data_6XQQ
#
_entry.id   6XQQ
#
_cell.length_a   115.222
_cell.length_b   115.222
_cell.length_c   183.992
_cell.angle_alpha   90.000
_cell.angle_beta   90.000
_cell.angle_gamma   90.000
#
_symmetry.space_group_name_H-M   'P 43 2 2'
#
loop_
_entity.id
_entity.type
_entity.pdbx_description
1 polymer 'TRAV12-2 alpha chain'
2 polymer TRBV29-1
3 non-polymer GLYCEROL
4 water water
#
loop_
_entity_poly.entity_id
_entity_poly.type
_entity_poly.pdbx_seq_one_letter_code
_entity_poly.pdbx_strand_id
1 'polypeptide(L)'
;MQKEVEQNSGPLSVPEGAIASLNCTYSDRGSQSFFWYRQYSGKSPELIMFIYSNGDKEDGRFTAQLNKASQYVSLLIRDS
QPSDSATYLCAVRDAGNMLTFGGGTRLMVKPNIQNPDPAVYQLRDSKSSDKSVCLFTDFDSQTNVSQSKDSDVYITDKCV
LDMRSMDFKSNSAVAWSNKSDFACANAFNNSIIPEDTFFPSPESS
;
A,C
2 'polypeptide(L)'
;MSAVISQKPSRDICQRGTSLTIQCQVDSQVTMMFWYRQQPGQSLTLIATANQGSEATYESGFVIDKFPISRPNLTFSTLT
VSNMSPEDSSIYLCSVGGDSLIGNQPQHFGDGTRLSILEDLKNVFPPEVAVFEPSEAEISHTQKATLVCLATGFYPDHVE
LSWWVNGKEVHSGVCTDPQPLKEQPALNDSRYALSSRLRVSATFWQNPRNHFRCQVQFYGLSENDEWTQDRAKPVTQIVS
AEAWGRAD
;
B,D
#
loop_
_chem_comp.id
_chem_comp.type
_chem_comp.name
_chem_comp.formula
GOL non-polymer GLYCEROL 'C3 H8 O3'
#
# COMPACT_ATOMS: atom_id res chain seq x y z
N VAL A 5 -18.26 28.73 -21.39
CA VAL A 5 -18.96 27.49 -21.68
C VAL A 5 -18.39 26.81 -22.92
N GLU A 6 -17.92 25.58 -22.74
CA GLU A 6 -17.41 24.74 -23.81
C GLU A 6 -18.29 23.51 -23.93
N GLN A 7 -18.74 23.21 -25.15
CA GLN A 7 -19.76 22.18 -25.38
C GLN A 7 -19.19 21.03 -26.19
N ASN A 8 -19.22 19.84 -25.60
CA ASN A 8 -18.99 18.57 -26.28
C ASN A 8 -20.33 17.86 -26.44
N SER A 9 -20.30 16.57 -26.81
CA SER A 9 -21.55 15.87 -27.09
C SER A 9 -21.77 14.67 -26.17
N GLY A 10 -21.24 13.50 -26.53
CA GLY A 10 -21.46 12.31 -25.76
C GLY A 10 -20.84 11.06 -26.37
N PRO A 11 -21.66 10.02 -26.56
CA PRO A 11 -21.11 8.74 -27.03
C PRO A 11 -21.12 8.60 -28.55
N LEU A 12 -19.99 8.15 -29.12
CA LEU A 12 -19.82 8.09 -30.56
C LEU A 12 -19.12 6.79 -30.94
N SER A 13 -19.55 6.19 -32.04
CA SER A 13 -19.00 4.94 -32.55
C SER A 13 -18.44 5.16 -33.94
N VAL A 14 -17.18 4.78 -34.14
CA VAL A 14 -16.50 4.96 -35.42
C VAL A 14 -15.90 3.64 -35.87
N PRO A 15 -16.07 3.24 -37.13
CA PRO A 15 -15.49 1.98 -37.59
C PRO A 15 -13.96 2.02 -37.58
N GLU A 16 -13.37 0.84 -37.36
CA GLU A 16 -11.92 0.72 -37.32
C GLU A 16 -11.32 1.08 -38.67
N GLY A 17 -10.40 2.04 -38.68
CA GLY A 17 -9.75 2.51 -39.88
C GLY A 17 -10.31 3.81 -40.43
N ALA A 18 -11.54 4.17 -40.05
CA ALA A 18 -12.15 5.39 -40.53
C ALA A 18 -11.66 6.59 -39.70
N ILE A 19 -12.07 7.77 -40.12
CA ILE A 19 -11.69 9.01 -39.45
C ILE A 19 -12.69 9.29 -38.34
N ALA A 20 -12.18 9.42 -37.11
CA ALA A 20 -13.00 9.83 -35.98
C ALA A 20 -13.01 11.34 -35.89
N SER A 21 -14.21 11.92 -35.84
CA SER A 21 -14.38 13.36 -35.83
C SER A 21 -14.93 13.80 -34.48
N LEU A 22 -14.16 14.62 -33.77
CA LEU A 22 -14.55 15.16 -32.47
C LEU A 22 -14.51 16.68 -32.54
N ASN A 23 -15.62 17.33 -32.21
CA ASN A 23 -15.72 18.78 -32.31
C ASN A 23 -16.25 19.36 -31.01
N CYS A 24 -15.83 20.59 -30.72
CA CYS A 24 -16.35 21.33 -29.58
C CYS A 24 -16.52 22.80 -29.96
N THR A 25 -17.41 23.47 -29.26
CA THR A 25 -17.69 24.89 -29.49
C THR A 25 -17.53 25.65 -28.17
N TYR A 26 -17.23 26.93 -28.30
CA TYR A 26 -17.00 27.80 -27.15
C TYR A 26 -17.74 29.12 -27.35
N SER A 27 -17.98 29.81 -26.24
CA SER A 27 -18.77 31.03 -26.26
C SER A 27 -17.91 32.28 -26.36
N ASP A 28 -16.76 32.30 -25.69
CA ASP A 28 -15.90 33.48 -25.65
C ASP A 28 -15.13 33.60 -26.95
N ARG A 29 -15.43 34.63 -27.74
CA ARG A 29 -14.67 34.87 -28.97
C ARG A 29 -13.28 35.40 -28.68
N GLY A 30 -13.04 35.94 -27.50
CA GLY A 30 -11.73 36.37 -27.09
C GLY A 30 -10.79 35.26 -26.66
N SER A 31 -11.18 34.01 -26.89
CA SER A 31 -10.35 32.88 -26.50
C SER A 31 -9.09 32.84 -27.34
N GLN A 32 -7.97 32.45 -26.71
CA GLN A 32 -6.67 32.46 -27.35
C GLN A 32 -6.04 31.09 -27.52
N SER A 33 -6.39 30.10 -26.71
CA SER A 33 -5.75 28.80 -26.74
C SER A 33 -6.80 27.70 -26.69
N PHE A 34 -6.53 26.61 -27.41
CA PHE A 34 -7.47 25.50 -27.51
C PHE A 34 -6.70 24.19 -27.42
N PHE A 35 -7.20 23.27 -26.60
CA PHE A 35 -6.49 22.04 -26.28
C PHE A 35 -7.43 20.84 -26.38
N TRP A 36 -6.85 19.70 -26.73
CA TRP A 36 -7.54 18.42 -26.72
C TRP A 36 -6.85 17.49 -25.73
N TYR A 37 -7.66 16.74 -24.98
CA TYR A 37 -7.16 15.78 -24.01
C TYR A 37 -7.76 14.42 -24.29
N ARG A 38 -6.99 13.37 -24.00
CA ARG A 38 -7.44 12.00 -24.08
C ARG A 38 -7.38 11.39 -22.69
N GLN A 39 -8.46 10.75 -22.25
CA GLN A 39 -8.56 10.22 -20.90
C GLN A 39 -9.16 8.81 -20.96
N TYR A 40 -8.42 7.84 -20.45
CA TYR A 40 -8.94 6.48 -20.34
C TYR A 40 -9.72 6.33 -19.03
N SER A 41 -10.37 5.17 -18.90
CA SER A 41 -11.35 4.99 -17.82
C SER A 41 -10.69 5.10 -16.45
N GLY A 42 -9.45 4.64 -16.31
CA GLY A 42 -8.79 4.68 -15.03
C GLY A 42 -7.82 5.83 -14.85
N LYS A 43 -7.15 6.21 -15.93
CA LYS A 43 -6.09 7.21 -15.86
C LYS A 43 -6.67 8.61 -15.75
N SER A 44 -5.78 9.60 -15.73
CA SER A 44 -6.08 11.02 -15.68
C SER A 44 -5.93 11.64 -17.07
N PRO A 45 -6.51 12.82 -17.30
CA PRO A 45 -6.47 13.42 -18.65
C PRO A 45 -5.03 13.63 -19.13
N GLU A 46 -4.81 13.29 -20.40
CA GLU A 46 -3.50 13.42 -21.03
C GLU A 46 -3.62 14.33 -22.25
N LEU A 47 -2.77 15.34 -22.30
CA LEU A 47 -2.77 16.28 -23.42
C LEU A 47 -2.20 15.60 -24.66
N ILE A 48 -2.98 15.60 -25.74
CA ILE A 48 -2.57 14.98 -26.99
C ILE A 48 -1.99 16.00 -27.97
N MET A 49 -2.61 17.17 -28.08
CA MET A 49 -2.06 18.26 -28.87
C MET A 49 -2.85 19.54 -28.58
N PHE A 50 -2.40 20.63 -29.20
CA PHE A 50 -2.93 21.95 -28.95
C PHE A 50 -2.85 22.77 -30.23
N ILE A 51 -3.61 23.86 -30.28
CA ILE A 51 -3.63 24.73 -31.45
C ILE A 51 -3.93 26.15 -31.00
N TYR A 52 -3.25 27.12 -31.63
CA TYR A 52 -3.35 28.52 -31.24
C TYR A 52 -3.93 29.42 -32.32
N SER A 53 -3.79 29.07 -33.59
CA SER A 53 -4.26 29.90 -34.69
C SER A 53 -5.07 29.06 -35.66
N ASN A 54 -5.79 29.74 -36.56
CA ASN A 54 -6.68 29.06 -37.49
C ASN A 54 -5.88 28.17 -38.44
N GLY A 55 -6.54 27.11 -38.92
CA GLY A 55 -5.96 26.15 -39.83
C GLY A 55 -5.93 24.77 -39.23
N ASP A 56 -5.20 23.89 -39.90
CA ASP A 56 -5.02 22.51 -39.44
C ASP A 56 -3.63 22.32 -38.87
N LYS A 57 -3.50 21.37 -37.95
CA LYS A 57 -2.23 21.04 -37.34
C LYS A 57 -2.17 19.52 -37.18
N GLU A 58 -1.24 18.88 -37.88
CA GLU A 58 -1.09 17.43 -37.85
C GLU A 58 0.00 17.04 -36.87
N ASP A 59 -0.23 15.92 -36.17
CA ASP A 59 0.74 15.32 -35.26
C ASP A 59 0.52 13.81 -35.31
N GLY A 60 1.03 13.19 -36.37
CA GLY A 60 0.79 11.78 -36.60
C GLY A 60 -0.59 11.52 -37.17
N ARG A 61 -1.37 10.68 -36.50
CA ARG A 61 -2.73 10.39 -36.93
C ARG A 61 -3.74 11.39 -36.37
N PHE A 62 -3.29 12.39 -35.63
CA PHE A 62 -4.16 13.41 -35.06
C PHE A 62 -4.12 14.67 -35.93
N THR A 63 -5.28 15.32 -36.05
CA THR A 63 -5.39 16.58 -36.78
C THR A 63 -6.30 17.51 -35.98
N ALA A 64 -5.79 18.70 -35.67
CA ALA A 64 -6.54 19.70 -34.93
C ALA A 64 -6.94 20.83 -35.86
N GLN A 65 -8.24 21.10 -35.95
CA GLN A 65 -8.77 22.15 -36.79
C GLN A 65 -9.38 23.24 -35.91
N LEU A 66 -9.11 24.50 -36.25
CA LEU A 66 -9.61 25.63 -35.48
C LEU A 66 -10.13 26.70 -36.43
N ASN A 67 -11.35 27.17 -36.18
CA ASN A 67 -11.94 28.29 -36.91
C ASN A 67 -12.53 29.23 -35.86
N LYS A 68 -11.81 30.30 -35.53
CA LYS A 68 -12.25 31.19 -34.47
C LYS A 68 -13.45 32.05 -34.89
N ALA A 69 -13.67 32.22 -36.19
CA ALA A 69 -14.85 32.94 -36.64
C ALA A 69 -16.12 32.12 -36.41
N SER A 70 -16.04 30.81 -36.64
CA SER A 70 -17.17 29.91 -36.42
C SER A 70 -17.18 29.32 -35.02
N GLN A 71 -16.15 29.59 -34.21
CA GLN A 71 -16.11 29.21 -32.80
C GLN A 71 -16.25 27.70 -32.63
N TYR A 72 -15.36 26.95 -33.29
CA TYR A 72 -15.30 25.51 -33.11
C TYR A 72 -13.86 25.03 -33.19
N VAL A 73 -13.57 23.97 -32.44
CA VAL A 73 -12.30 23.26 -32.51
C VAL A 73 -12.61 21.81 -32.84
N SER A 74 -11.76 21.19 -33.65
CA SER A 74 -11.99 19.83 -34.09
C SER A 74 -10.75 18.98 -33.87
N LEU A 75 -10.98 17.68 -33.63
CA LEU A 75 -9.90 16.71 -33.54
C LEU A 75 -10.24 15.55 -34.46
N LEU A 76 -9.42 15.34 -35.49
CA LEU A 76 -9.59 14.25 -36.43
C LEU A 76 -8.55 13.17 -36.16
N ILE A 77 -9.01 11.94 -35.99
CA ILE A 77 -8.13 10.79 -35.75
C ILE A 77 -8.18 9.92 -36.99
N ARG A 78 -7.11 9.96 -37.79
CA ARG A 78 -7.05 9.17 -39.01
C ARG A 78 -6.59 7.75 -38.71
N ASP A 79 -7.10 6.81 -39.50
CA ASP A 79 -6.77 5.39 -39.34
C ASP A 79 -6.99 4.94 -37.91
N SER A 80 -8.20 5.19 -37.40
CA SER A 80 -8.50 4.94 -36.01
C SER A 80 -8.41 3.45 -35.67
N GLN A 81 -7.92 3.17 -34.47
CA GLN A 81 -7.74 1.83 -33.94
C GLN A 81 -8.57 1.67 -32.67
N PRO A 82 -8.94 0.44 -32.30
CA PRO A 82 -9.67 0.24 -31.04
C PRO A 82 -8.94 0.79 -29.82
N SER A 83 -7.61 0.89 -29.86
CA SER A 83 -6.87 1.51 -28.77
C SER A 83 -7.13 3.01 -28.65
N ASP A 84 -7.80 3.61 -29.63
CA ASP A 84 -8.19 5.01 -29.54
C ASP A 84 -9.46 5.22 -28.72
N SER A 85 -10.09 4.13 -28.25
CA SER A 85 -11.33 4.24 -27.49
C SER A 85 -11.04 4.87 -26.14
N ALA A 86 -11.52 6.09 -25.94
CA ALA A 86 -11.33 6.82 -24.69
C ALA A 86 -12.29 8.00 -24.69
N THR A 87 -12.22 8.80 -23.63
CA THR A 87 -12.97 10.05 -23.54
C THR A 87 -12.05 11.19 -23.92
N TYR A 88 -12.48 11.99 -24.90
CA TYR A 88 -11.66 13.08 -25.43
C TYR A 88 -12.26 14.41 -24.99
N LEU A 89 -11.47 15.20 -24.28
CA LEU A 89 -11.92 16.43 -23.67
C LEU A 89 -11.32 17.63 -24.40
N CYS A 90 -12.14 18.65 -24.60
CA CYS A 90 -11.74 19.88 -25.27
C CYS A 90 -11.68 21.00 -24.25
N ALA A 91 -10.54 21.70 -24.20
CA ALA A 91 -10.30 22.77 -23.25
C ALA A 91 -9.99 24.05 -24.01
N VAL A 92 -10.54 25.16 -23.51
CA VAL A 92 -10.43 26.46 -24.17
C VAL A 92 -9.97 27.48 -23.14
N ARG A 93 -8.94 28.24 -23.47
CA ARG A 93 -8.43 29.30 -22.61
C ARG A 93 -9.00 30.64 -23.08
N ASP A 94 -9.47 31.43 -22.12
CA ASP A 94 -10.10 32.71 -22.42
C ASP A 94 -9.03 33.80 -22.54
N ALA A 95 -9.42 35.07 -22.41
CA ALA A 95 -8.47 36.17 -22.54
C ALA A 95 -7.43 36.15 -21.43
N GLY A 96 -7.73 35.53 -20.30
CA GLY A 96 -6.81 35.38 -19.20
C GLY A 96 -6.08 34.05 -19.24
N ASN A 97 -5.97 33.41 -18.08
CA ASN A 97 -5.30 32.14 -17.95
C ASN A 97 -6.23 31.02 -17.48
N MET A 98 -7.54 31.24 -17.57
CA MET A 98 -8.51 30.29 -17.07
C MET A 98 -8.94 29.33 -18.17
N LEU A 99 -8.90 28.04 -17.87
CA LEU A 99 -9.29 26.99 -18.80
C LEU A 99 -10.70 26.54 -18.48
N THR A 100 -11.55 26.42 -19.50
CA THR A 100 -12.91 25.95 -19.34
C THR A 100 -13.02 24.62 -20.07
N PHE A 101 -13.11 23.53 -19.31
CA PHE A 101 -13.19 22.19 -19.89
C PHE A 101 -14.61 21.88 -20.34
N GLY A 102 -14.71 21.00 -21.33
CA GLY A 102 -16.00 20.47 -21.75
C GLY A 102 -16.31 19.16 -21.05
N GLY A 103 -17.55 18.69 -21.28
CA GLY A 103 -17.95 17.43 -20.70
C GLY A 103 -17.18 16.24 -21.23
N GLY A 104 -16.66 16.35 -22.44
CA GLY A 104 -15.93 15.25 -23.04
C GLY A 104 -16.83 14.41 -23.93
N THR A 105 -16.21 13.80 -24.94
CA THR A 105 -16.90 12.94 -25.90
C THR A 105 -16.28 11.55 -25.83
N ARG A 106 -17.10 10.56 -25.48
CA ARG A 106 -16.63 9.19 -25.41
C ARG A 106 -16.59 8.59 -26.82
N LEU A 107 -15.44 8.04 -27.20
CA LEU A 107 -15.22 7.48 -28.52
C LEU A 107 -15.06 5.96 -28.40
N MET A 108 -15.77 5.23 -29.27
CA MET A 108 -15.67 3.78 -29.33
C MET A 108 -15.33 3.37 -30.76
N VAL A 109 -14.10 2.91 -30.96
CA VAL A 109 -13.66 2.44 -32.27
C VAL A 109 -13.88 0.93 -32.32
N LYS A 110 -14.98 0.52 -32.95
CA LYS A 110 -15.34 -0.89 -32.99
C LYS A 110 -14.49 -1.62 -34.02
N PRO A 111 -14.00 -2.82 -33.71
CA PRO A 111 -13.12 -3.54 -34.64
C PRO A 111 -13.90 -4.16 -35.79
N ASN A 112 -13.19 -4.34 -36.91
CA ASN A 112 -13.75 -5.01 -38.07
C ASN A 112 -13.60 -6.51 -37.92
N ILE A 113 -14.73 -7.22 -37.83
CA ILE A 113 -14.76 -8.66 -37.69
C ILE A 113 -14.93 -9.23 -39.09
N GLN A 114 -13.82 -9.65 -39.71
CA GLN A 114 -13.89 -10.14 -41.08
C GLN A 114 -14.72 -11.41 -41.19
N ASN A 115 -14.49 -12.36 -40.29
CA ASN A 115 -15.16 -13.65 -40.29
C ASN A 115 -15.92 -13.80 -38.97
N PRO A 116 -17.13 -13.25 -38.89
CA PRO A 116 -17.91 -13.38 -37.64
C PRO A 116 -18.31 -14.84 -37.40
N ASP A 117 -18.04 -15.32 -36.20
CA ASP A 117 -18.33 -16.70 -35.81
C ASP A 117 -19.03 -16.69 -34.45
N PRO A 118 -20.25 -16.16 -34.38
CA PRO A 118 -20.91 -15.98 -33.08
C PRO A 118 -21.19 -17.31 -32.40
N ALA A 119 -20.84 -17.39 -31.11
CA ALA A 119 -21.03 -18.61 -30.34
C ALA A 119 -21.08 -18.26 -28.87
N VAL A 120 -21.67 -19.17 -28.09
CA VAL A 120 -21.77 -19.04 -26.64
C VAL A 120 -21.21 -20.32 -26.03
N TYR A 121 -20.02 -20.23 -25.43
CA TYR A 121 -19.35 -21.38 -24.84
C TYR A 121 -19.48 -21.37 -23.33
N GLN A 122 -19.42 -22.56 -22.74
CA GLN A 122 -19.43 -22.74 -21.30
C GLN A 122 -18.03 -23.12 -20.85
N LEU A 123 -17.39 -22.25 -20.08
CA LEU A 123 -16.04 -22.52 -19.62
C LEU A 123 -16.04 -23.57 -18.51
N ARG A 124 -14.90 -24.23 -18.35
CA ARG A 124 -14.76 -25.25 -17.33
C ARG A 124 -14.95 -24.65 -15.94
N ASP A 125 -15.72 -25.34 -15.11
CA ASP A 125 -15.99 -24.86 -13.76
C ASP A 125 -14.70 -24.83 -12.95
N SER A 126 -14.65 -23.89 -12.01
CA SER A 126 -13.53 -23.77 -11.07
C SER A 126 -13.91 -24.46 -9.77
N LYS A 127 -13.02 -25.32 -9.28
CA LYS A 127 -13.27 -26.01 -8.02
C LYS A 127 -13.33 -25.05 -6.84
N SER A 128 -12.79 -23.84 -6.99
CA SER A 128 -12.77 -22.84 -5.93
C SER A 128 -13.91 -21.83 -6.05
N SER A 129 -14.78 -21.99 -7.05
CA SER A 129 -15.88 -21.06 -7.28
C SER A 129 -17.18 -21.82 -7.47
N ASP A 130 -18.28 -21.18 -7.08
CA ASP A 130 -19.61 -21.76 -7.20
C ASP A 130 -20.37 -21.24 -8.42
N LYS A 131 -19.66 -20.64 -9.37
CA LYS A 131 -20.29 -19.98 -10.50
C LYS A 131 -20.02 -20.73 -11.79
N SER A 132 -21.01 -20.70 -12.68
CA SER A 132 -20.86 -21.21 -14.04
C SER A 132 -20.73 -20.03 -14.99
N VAL A 133 -19.75 -20.08 -15.87
CA VAL A 133 -19.39 -18.95 -16.73
C VAL A 133 -19.72 -19.30 -18.18
N CYS A 134 -20.41 -18.38 -18.85
CA CYS A 134 -20.70 -18.49 -20.27
C CYS A 134 -19.98 -17.37 -21.02
N LEU A 135 -19.48 -17.69 -22.21
CA LEU A 135 -18.71 -16.74 -23.02
C LEU A 135 -19.39 -16.59 -24.38
N PHE A 136 -19.98 -15.42 -24.61
CA PHE A 136 -20.50 -15.03 -25.92
C PHE A 136 -19.37 -14.31 -26.65
N THR A 137 -18.80 -14.96 -27.67
CA THR A 137 -17.59 -14.45 -28.30
C THR A 137 -17.71 -14.53 -29.82
N ASP A 138 -16.78 -13.84 -30.48
CA ASP A 138 -16.57 -13.90 -31.93
C ASP A 138 -17.78 -13.38 -32.73
N PHE A 139 -18.64 -12.59 -32.10
CA PHE A 139 -19.69 -11.91 -32.86
C PHE A 139 -19.15 -10.61 -33.44
N ASP A 140 -19.86 -10.07 -34.43
CA ASP A 140 -19.39 -8.85 -35.07
C ASP A 140 -19.79 -7.63 -34.27
N SER A 141 -19.14 -6.51 -34.57
CA SER A 141 -19.23 -5.30 -33.75
C SER A 141 -20.60 -4.64 -33.80
N GLN A 142 -21.53 -5.11 -34.62
CA GLN A 142 -22.85 -4.52 -34.69
C GLN A 142 -23.84 -5.16 -33.71
N THR A 143 -23.43 -6.21 -33.01
CA THR A 143 -24.28 -6.89 -32.05
C THR A 143 -24.15 -6.23 -30.69
N ASN A 144 -25.28 -5.88 -30.09
CA ASN A 144 -25.31 -5.21 -28.79
C ASN A 144 -25.66 -6.22 -27.70
N VAL A 145 -24.92 -6.16 -26.60
CA VAL A 145 -25.13 -7.06 -25.46
C VAL A 145 -26.00 -6.31 -24.45
N SER A 146 -27.21 -6.80 -24.24
CA SER A 146 -28.13 -6.17 -23.30
C SER A 146 -27.85 -6.64 -21.88
N GLN A 147 -28.33 -5.85 -20.92
CA GLN A 147 -28.15 -6.18 -19.51
C GLN A 147 -28.95 -7.42 -19.15
N SER A 148 -28.77 -7.88 -17.92
CA SER A 148 -29.39 -9.11 -17.44
C SER A 148 -30.79 -8.83 -16.92
N LYS A 149 -31.76 -9.61 -17.39
CA LYS A 149 -33.11 -9.51 -16.85
C LYS A 149 -33.23 -10.26 -15.52
N ASP A 150 -32.55 -11.39 -15.39
CA ASP A 150 -32.52 -12.11 -14.14
C ASP A 150 -31.75 -11.33 -13.08
N SER A 151 -32.15 -11.50 -11.83
CA SER A 151 -31.54 -10.72 -10.74
C SER A 151 -30.13 -11.19 -10.44
N ASP A 152 -29.95 -12.47 -10.12
CA ASP A 152 -28.67 -13.02 -9.74
C ASP A 152 -27.90 -13.62 -10.92
N VAL A 153 -28.12 -13.10 -12.13
CA VAL A 153 -27.31 -13.42 -13.29
C VAL A 153 -26.59 -12.14 -13.71
N TYR A 154 -25.27 -12.23 -13.91
CA TYR A 154 -24.44 -11.07 -14.18
C TYR A 154 -23.86 -11.17 -15.58
N ILE A 155 -24.08 -10.12 -16.38
CA ILE A 155 -23.59 -10.05 -17.75
C ILE A 155 -22.81 -8.77 -17.92
N THR A 156 -21.59 -8.87 -18.45
CA THR A 156 -20.77 -7.71 -18.70
C THR A 156 -20.95 -7.24 -20.15
N ASP A 157 -20.66 -5.95 -20.37
CA ASP A 157 -20.69 -5.41 -21.72
C ASP A 157 -19.61 -6.06 -22.57
N LYS A 158 -19.72 -5.89 -23.89
CA LYS A 158 -18.79 -6.54 -24.80
C LYS A 158 -17.39 -5.94 -24.65
N CYS A 159 -16.39 -6.78 -24.88
CA CYS A 159 -14.99 -6.43 -24.71
C CYS A 159 -14.22 -6.80 -25.97
N VAL A 160 -13.24 -5.97 -26.33
CA VAL A 160 -12.45 -6.18 -27.53
C VAL A 160 -11.03 -6.54 -27.12
N LEU A 161 -10.62 -7.77 -27.43
CA LEU A 161 -9.24 -8.20 -27.22
C LEU A 161 -8.53 -8.27 -28.57
N ASP A 162 -7.23 -8.00 -28.53
CA ASP A 162 -6.39 -7.96 -29.74
C ASP A 162 -5.25 -8.95 -29.57
N MET A 163 -5.32 -10.06 -30.30
CA MET A 163 -4.24 -11.03 -30.35
C MET A 163 -3.23 -10.52 -31.38
N ARG A 164 -2.26 -9.75 -30.90
CA ARG A 164 -1.40 -8.96 -31.80
C ARG A 164 -0.53 -9.87 -32.67
N SER A 165 0.00 -10.96 -32.10
CA SER A 165 0.88 -11.84 -32.87
C SER A 165 0.15 -12.49 -34.05
N MET A 166 -1.16 -12.69 -33.92
CA MET A 166 -1.96 -13.27 -34.98
C MET A 166 -2.76 -12.24 -35.76
N ASP A 167 -2.68 -10.96 -35.37
CA ASP A 167 -3.42 -9.88 -36.02
C ASP A 167 -4.92 -10.19 -36.04
N PHE A 168 -5.44 -10.59 -34.89
CA PHE A 168 -6.81 -11.07 -34.77
C PHE A 168 -7.49 -10.35 -33.60
N LYS A 169 -8.61 -9.70 -33.88
CA LYS A 169 -9.43 -9.07 -32.85
C LYS A 169 -10.77 -9.77 -32.76
N SER A 170 -11.36 -9.77 -31.58
CA SER A 170 -12.64 -10.44 -31.37
C SER A 170 -13.38 -9.79 -30.21
N ASN A 171 -14.71 -9.82 -30.31
CA ASN A 171 -15.58 -9.34 -29.25
C ASN A 171 -15.95 -10.50 -28.32
N SER A 172 -16.32 -10.15 -27.09
CA SER A 172 -16.67 -11.17 -26.10
C SER A 172 -17.45 -10.54 -24.96
N ALA A 173 -18.42 -11.28 -24.46
CA ALA A 173 -19.21 -10.89 -23.28
C ALA A 173 -19.32 -12.09 -22.35
N VAL A 174 -19.20 -11.82 -21.05
CA VAL A 174 -19.16 -12.87 -20.03
C VAL A 174 -20.46 -12.84 -19.24
N ALA A 175 -21.04 -14.02 -19.02
CA ALA A 175 -22.22 -14.17 -18.17
C ALA A 175 -21.95 -15.27 -17.16
N TRP A 176 -22.26 -15.01 -15.89
CA TRP A 176 -22.05 -15.99 -14.84
C TRP A 176 -23.15 -15.88 -13.81
N SER A 177 -23.36 -16.98 -13.09
CA SER A 177 -24.35 -17.09 -12.04
C SER A 177 -24.11 -18.39 -11.29
N ASN A 178 -24.54 -18.42 -10.03
CA ASN A 178 -24.40 -19.60 -9.19
C ASN A 178 -25.72 -20.35 -9.01
N LYS A 179 -26.73 -20.06 -9.83
CA LYS A 179 -27.97 -20.81 -9.77
C LYS A 179 -27.78 -22.23 -10.27
N SER A 180 -28.63 -23.13 -9.78
CA SER A 180 -28.56 -24.52 -10.22
C SER A 180 -29.20 -24.75 -11.58
N ASP A 181 -30.07 -23.85 -12.03
CA ASP A 181 -30.74 -23.98 -13.31
C ASP A 181 -30.15 -23.07 -14.38
N PHE A 182 -29.01 -22.44 -14.11
CA PHE A 182 -28.41 -21.51 -15.06
C PHE A 182 -27.74 -22.28 -16.20
N ALA A 183 -28.12 -21.94 -17.43
CA ALA A 183 -27.57 -22.58 -18.61
C ALA A 183 -27.17 -21.52 -19.63
N CYS A 184 -26.12 -21.81 -20.40
CA CYS A 184 -25.64 -20.87 -21.41
C CYS A 184 -26.58 -20.78 -22.61
N ALA A 185 -27.52 -21.71 -22.76
CA ALA A 185 -28.46 -21.63 -23.88
C ALA A 185 -29.39 -20.44 -23.76
N ASN A 186 -29.67 -19.99 -22.53
CA ASN A 186 -30.54 -18.86 -22.29
C ASN A 186 -29.88 -17.77 -21.46
N ALA A 187 -28.54 -17.80 -21.35
CA ALA A 187 -27.85 -16.78 -20.57
C ALA A 187 -27.97 -15.40 -21.22
N PHE A 188 -27.96 -15.36 -22.55
CA PHE A 188 -28.08 -14.12 -23.30
C PHE A 188 -29.42 -14.02 -24.02
N ASN A 189 -30.47 -14.58 -23.43
CA ASN A 189 -31.79 -14.55 -24.06
C ASN A 189 -32.35 -13.13 -24.13
N ASN A 190 -31.92 -12.25 -23.23
CA ASN A 190 -32.40 -10.88 -23.22
C ASN A 190 -31.64 -9.99 -24.19
N SER A 191 -30.84 -10.56 -25.08
CA SER A 191 -30.08 -9.80 -26.06
C SER A 191 -30.45 -10.25 -27.46
N ILE A 192 -30.14 -9.39 -28.43
CA ILE A 192 -30.43 -9.66 -29.85
C ILE A 192 -29.15 -10.23 -30.44
N ILE A 193 -28.99 -11.55 -30.33
CA ILE A 193 -27.81 -12.24 -30.84
C ILE A 193 -28.10 -12.71 -32.27
N PRO A 194 -27.07 -12.94 -33.09
CA PRO A 194 -27.32 -13.42 -34.46
C PRO A 194 -28.03 -14.77 -34.47
N GLU A 195 -28.73 -15.03 -35.57
CA GLU A 195 -29.50 -16.27 -35.68
C GLU A 195 -28.59 -17.48 -35.85
N ASP A 196 -27.47 -17.32 -36.55
CA ASP A 196 -26.49 -18.39 -36.75
C ASP A 196 -25.52 -18.50 -35.57
N THR A 197 -25.92 -18.11 -34.36
CA THR A 197 -25.05 -18.23 -33.21
C THR A 197 -24.87 -19.70 -32.83
N PHE A 198 -23.63 -20.15 -32.75
CA PHE A 198 -23.32 -21.54 -32.47
C PHE A 198 -23.54 -21.85 -31.00
N PHE A 199 -24.31 -22.91 -30.71
CA PHE A 199 -24.58 -23.35 -29.34
C PHE A 199 -24.13 -24.80 -29.19
N PRO A 200 -22.87 -25.03 -28.81
CA PRO A 200 -22.39 -26.40 -28.64
C PRO A 200 -23.01 -27.06 -27.43
N SER A 201 -23.33 -28.35 -27.57
CA SER A 201 -23.92 -29.12 -26.48
C SER A 201 -22.91 -29.38 -25.38
N SER B 2 5.49 19.80 -19.56
CA SER B 2 6.73 19.10 -19.25
C SER B 2 7.01 19.12 -17.76
N ALA B 3 6.10 19.70 -16.99
CA ALA B 3 6.23 19.70 -15.54
C ALA B 3 5.72 18.39 -14.96
N VAL B 4 6.42 17.88 -13.96
CA VAL B 4 6.11 16.60 -13.33
C VAL B 4 5.30 16.87 -12.08
N ILE B 5 4.07 16.35 -12.04
CA ILE B 5 3.15 16.57 -10.94
C ILE B 5 3.04 15.28 -10.13
N SER B 6 3.31 15.39 -8.83
CA SER B 6 3.27 14.24 -7.92
C SER B 6 2.17 14.47 -6.89
N GLN B 7 1.14 13.63 -6.93
CA GLN B 7 0.05 13.69 -5.96
C GLN B 7 0.21 12.59 -4.92
N LYS B 8 -0.12 12.93 -3.67
CA LYS B 8 -0.08 11.98 -2.57
C LYS B 8 -1.28 12.22 -1.68
N PRO B 9 -1.95 11.16 -1.21
CA PRO B 9 -1.62 9.76 -1.51
C PRO B 9 -2.21 9.28 -2.82
N SER B 10 -1.94 8.03 -3.20
CA SER B 10 -2.51 7.49 -4.43
C SER B 10 -4.00 7.22 -4.26
N ARG B 11 -4.37 6.50 -3.20
CA ARG B 11 -5.77 6.30 -2.86
C ARG B 11 -5.87 6.04 -1.37
N ASP B 12 -7.10 6.08 -0.86
CA ASP B 12 -7.32 5.96 0.57
C ASP B 12 -8.78 5.62 0.83
N ILE B 13 -9.01 4.83 1.88
CA ILE B 13 -10.35 4.47 2.33
C ILE B 13 -10.52 5.08 3.72
N CYS B 14 -11.40 6.07 3.83
CA CYS B 14 -11.56 6.83 5.06
C CYS B 14 -12.97 6.70 5.60
N GLN B 15 -13.09 6.83 6.91
CA GLN B 15 -14.39 6.80 7.58
C GLN B 15 -15.16 8.08 7.31
N ARG B 16 -16.48 7.98 7.44
CA ARG B 16 -17.33 9.16 7.34
C ARG B 16 -17.12 10.07 8.54
N GLY B 17 -16.98 11.37 8.27
CA GLY B 17 -16.79 12.35 9.32
C GLY B 17 -15.35 12.74 9.58
N THR B 18 -14.39 12.01 9.01
CA THR B 18 -12.99 12.34 9.18
C THR B 18 -12.55 13.34 8.11
N SER B 19 -11.28 13.72 8.14
CA SER B 19 -10.71 14.67 7.18
C SER B 19 -9.42 14.10 6.62
N LEU B 20 -9.19 14.31 5.33
CA LEU B 20 -8.00 13.83 4.65
C LEU B 20 -7.33 14.98 3.93
N THR B 21 -6.03 15.13 4.15
CA THR B 21 -5.25 16.20 3.53
C THR B 21 -4.39 15.60 2.43
N ILE B 22 -4.83 15.76 1.19
CA ILE B 22 -4.06 15.34 0.03
C ILE B 22 -3.16 16.51 -0.39
N GLN B 23 -2.09 16.18 -1.10
CA GLN B 23 -1.09 17.17 -1.47
C GLN B 23 -0.74 17.03 -2.95
N CYS B 24 -0.05 18.05 -3.46
CA CYS B 24 0.34 18.10 -4.86
C CYS B 24 1.64 18.90 -4.95
N GLN B 25 2.68 18.28 -5.51
CA GLN B 25 3.98 18.92 -5.61
C GLN B 25 4.50 18.82 -7.04
N VAL B 26 5.10 19.91 -7.50
CA VAL B 26 5.65 20.01 -8.85
C VAL B 26 7.16 20.17 -8.76
N ASP B 27 7.87 19.56 -9.70
CA ASP B 27 9.33 19.64 -9.70
C ASP B 27 9.84 21.01 -10.12
N SER B 28 9.03 21.80 -10.81
CA SER B 28 9.43 23.12 -11.29
C SER B 28 8.37 24.15 -10.91
N GLN B 29 8.76 25.42 -10.99
CA GLN B 29 7.85 26.52 -10.67
C GLN B 29 6.90 26.76 -11.83
N VAL B 30 5.60 26.57 -11.58
CA VAL B 30 4.56 26.86 -12.55
C VAL B 30 3.58 27.83 -11.90
N THR B 31 3.05 28.77 -12.70
CA THR B 31 2.26 29.86 -12.15
C THR B 31 0.88 29.39 -11.69
N MET B 32 0.06 28.90 -12.62
CA MET B 32 -1.31 28.52 -12.30
C MET B 32 -1.36 27.10 -11.76
N MET B 33 -2.23 26.88 -10.78
CA MET B 33 -2.43 25.56 -10.19
C MET B 33 -3.90 25.41 -9.81
N PHE B 34 -4.45 24.23 -10.09
CA PHE B 34 -5.89 24.00 -9.93
C PHE B 34 -6.11 22.65 -9.29
N TRP B 35 -7.29 22.51 -8.67
CA TRP B 35 -7.72 21.26 -8.05
C TRP B 35 -9.04 20.83 -8.69
N TYR B 36 -9.08 19.58 -9.16
CA TYR B 36 -10.24 19.04 -9.84
C TYR B 36 -10.78 17.83 -9.10
N ARG B 37 -12.06 17.55 -9.34
CA ARG B 37 -12.74 16.37 -8.81
C ARG B 37 -13.48 15.68 -9.96
N GLN B 38 -13.35 14.36 -10.03
CA GLN B 38 -13.96 13.63 -11.15
C GLN B 38 -14.21 12.19 -10.72
N GLN B 39 -15.46 11.74 -10.88
CA GLN B 39 -15.76 10.33 -10.67
C GLN B 39 -15.52 9.54 -11.95
N PRO B 40 -15.18 8.26 -11.83
CA PRO B 40 -14.90 7.46 -13.03
C PRO B 40 -16.10 7.40 -13.97
N GLY B 41 -15.88 7.85 -15.21
CA GLY B 41 -16.92 7.89 -16.21
C GLY B 41 -17.64 9.22 -16.33
N GLN B 42 -17.57 10.08 -15.31
CA GLN B 42 -18.24 11.36 -15.33
C GLN B 42 -17.31 12.41 -15.94
N SER B 43 -17.72 13.67 -15.87
CA SER B 43 -16.97 14.77 -16.45
C SER B 43 -16.08 15.44 -15.40
N LEU B 44 -15.08 16.16 -15.89
CA LEU B 44 -14.12 16.83 -15.02
C LEU B 44 -14.71 18.14 -14.52
N THR B 45 -14.83 18.28 -13.20
CA THR B 45 -15.41 19.47 -12.58
C THR B 45 -14.34 20.17 -11.74
N LEU B 46 -14.09 21.44 -12.04
CA LEU B 46 -13.09 22.21 -11.32
C LEU B 46 -13.62 22.60 -9.94
N ILE B 47 -12.77 22.39 -8.92
CA ILE B 47 -13.13 22.76 -7.55
C ILE B 47 -12.72 24.20 -7.30
N ALA B 48 -11.42 24.49 -7.41
CA ALA B 48 -10.92 25.82 -7.14
C ALA B 48 -9.56 25.98 -7.82
N THR B 49 -9.11 27.23 -7.89
CA THR B 49 -7.78 27.57 -8.40
C THR B 49 -6.92 28.02 -7.24
N ALA B 50 -5.83 27.28 -6.98
CA ALA B 50 -4.99 27.52 -5.82
C ALA B 50 -4.11 28.75 -6.06
N ASN B 51 -4.31 29.78 -5.25
CA ASN B 51 -3.50 30.99 -5.29
C ASN B 51 -2.39 30.89 -4.24
N GLN B 52 -1.22 31.42 -4.57
CA GLN B 52 -0.07 31.33 -3.68
C GLN B 52 -0.21 32.33 -2.53
N GLY B 53 -0.10 31.82 -1.30
CA GLY B 53 -0.04 32.69 -0.14
C GLY B 53 -1.33 33.38 0.23
N SER B 54 -2.47 32.88 -0.23
CA SER B 54 -3.75 33.47 0.09
C SER B 54 -4.83 32.40 -0.08
N GLU B 55 -6.08 32.80 0.07
CA GLU B 55 -7.20 31.89 -0.15
C GLU B 55 -7.30 31.51 -1.62
N ALA B 56 -7.72 30.28 -1.87
CA ALA B 56 -7.99 29.84 -3.23
C ALA B 56 -9.32 30.39 -3.71
N THR B 57 -9.44 30.56 -5.03
CA THR B 57 -10.67 31.04 -5.64
C THR B 57 -11.56 29.83 -5.95
N TYR B 58 -12.62 29.68 -5.17
CA TYR B 58 -13.49 28.51 -5.28
C TYR B 58 -14.59 28.73 -6.30
N GLU B 59 -14.88 27.69 -7.07
CA GLU B 59 -15.98 27.73 -8.01
C GLU B 59 -17.32 27.56 -7.27
N SER B 60 -18.41 27.74 -8.01
CA SER B 60 -19.74 27.68 -7.42
C SER B 60 -20.04 26.27 -6.92
N GLY B 61 -20.47 26.18 -5.67
CA GLY B 61 -20.76 24.91 -5.03
C GLY B 61 -19.71 24.45 -4.03
N PHE B 62 -18.47 24.90 -4.19
CA PHE B 62 -17.38 24.53 -3.30
C PHE B 62 -17.05 25.70 -2.39
N VAL B 63 -16.96 25.43 -1.08
CA VAL B 63 -16.71 26.47 -0.09
C VAL B 63 -15.40 26.15 0.62
N ILE B 64 -14.82 27.19 1.24
CA ILE B 64 -13.50 27.06 1.84
C ILE B 64 -13.56 26.20 3.09
N ASP B 65 -14.64 26.30 3.86
CA ASP B 65 -14.75 25.51 5.09
C ASP B 65 -14.85 24.01 4.80
N LYS B 66 -15.25 23.63 3.59
CA LYS B 66 -15.36 22.23 3.20
C LYS B 66 -14.11 21.72 2.51
N PHE B 67 -13.47 22.54 1.68
CA PHE B 67 -12.25 22.17 0.96
C PHE B 67 -11.17 23.22 1.18
N PRO B 68 -10.57 23.27 2.38
CA PRO B 68 -9.46 24.19 2.60
C PRO B 68 -8.29 23.88 1.68
N ILE B 69 -7.78 24.91 1.01
CA ILE B 69 -6.68 24.79 0.08
C ILE B 69 -5.57 25.74 0.51
N SER B 70 -4.34 25.22 0.60
CA SER B 70 -3.19 25.99 1.02
C SER B 70 -2.07 25.82 -0.01
N ARG B 71 -1.54 26.95 -0.50
CA ARG B 71 -0.45 26.95 -1.47
C ARG B 71 0.65 27.86 -0.96
N PRO B 72 1.61 27.33 -0.19
CA PRO B 72 2.70 28.16 0.32
C PRO B 72 3.56 28.76 -0.79
N ASN B 73 4.16 27.91 -1.60
CA ASN B 73 4.98 28.32 -2.74
C ASN B 73 4.34 27.82 -4.03
N LEU B 74 4.97 28.17 -5.15
CA LEU B 74 4.41 27.84 -6.46
C LEU B 74 4.40 26.34 -6.74
N THR B 75 5.26 25.57 -6.07
CA THR B 75 5.45 24.16 -6.40
C THR B 75 4.75 23.21 -5.43
N PHE B 76 3.97 23.73 -4.49
CA PHE B 76 3.37 22.89 -3.45
C PHE B 76 1.99 23.38 -3.09
N SER B 77 1.05 22.45 -2.96
CA SER B 77 -0.31 22.77 -2.54
C SER B 77 -0.94 21.55 -1.90
N THR B 78 -1.84 21.81 -0.95
CA THR B 78 -2.58 20.75 -0.26
C THR B 78 -4.07 21.05 -0.31
N LEU B 79 -4.86 20.01 -0.50
CA LEU B 79 -6.31 20.07 -0.41
C LEU B 79 -6.76 19.19 0.73
N THR B 80 -7.62 19.71 1.59
CA THR B 80 -8.18 18.97 2.71
C THR B 80 -9.68 18.80 2.47
N VAL B 81 -10.14 17.56 2.41
CA VAL B 81 -11.56 17.27 2.35
C VAL B 81 -12.07 17.15 3.78
N SER B 82 -12.80 18.17 4.23
CA SER B 82 -13.20 18.28 5.62
C SER B 82 -14.57 17.66 5.85
N ASN B 83 -14.73 16.99 7.00
CA ASN B 83 -15.97 16.33 7.39
C ASN B 83 -16.50 15.47 6.24
N MET B 84 -15.72 14.44 5.90
CA MET B 84 -15.97 13.67 4.69
C MET B 84 -17.26 12.87 4.78
N SER B 85 -18.02 12.88 3.70
CA SER B 85 -19.22 12.10 3.51
C SER B 85 -19.07 11.24 2.27
N PRO B 86 -19.82 10.13 2.17
CA PRO B 86 -19.69 9.27 0.97
C PRO B 86 -19.96 10.00 -0.34
N GLU B 87 -20.68 11.13 -0.32
CA GLU B 87 -20.89 11.90 -1.53
C GLU B 87 -19.60 12.59 -1.99
N ASP B 88 -18.61 12.73 -1.11
CA ASP B 88 -17.33 13.31 -1.49
C ASP B 88 -16.38 12.29 -2.10
N SER B 89 -16.78 11.04 -2.23
CA SER B 89 -15.94 10.02 -2.85
C SER B 89 -15.76 10.33 -4.33
N SER B 90 -14.52 10.50 -4.76
CA SER B 90 -14.21 10.87 -6.14
C SER B 90 -12.71 10.73 -6.34
N ILE B 91 -12.26 10.99 -7.56
CA ILE B 91 -10.84 11.08 -7.89
C ILE B 91 -10.48 12.55 -7.91
N TYR B 92 -9.57 12.96 -7.02
CA TYR B 92 -9.20 14.36 -6.87
C TYR B 92 -7.94 14.63 -7.68
N LEU B 93 -8.06 15.50 -8.67
CA LEU B 93 -6.99 15.79 -9.62
C LEU B 93 -6.28 17.08 -9.26
N CYS B 94 -4.98 17.12 -9.50
CA CYS B 94 -4.19 18.33 -9.42
C CYS B 94 -3.74 18.71 -10.83
N SER B 95 -3.89 19.98 -11.18
CA SER B 95 -3.50 20.47 -12.49
C SER B 95 -2.65 21.72 -12.33
N VAL B 96 -1.59 21.80 -13.12
CA VAL B 96 -0.68 22.94 -13.09
C VAL B 96 -0.46 23.42 -14.52
N GLY B 97 -0.23 24.71 -14.68
CA GLY B 97 -0.04 25.28 -15.99
C GLY B 97 0.27 26.76 -15.90
N GLY B 98 0.38 27.39 -17.06
CA GLY B 98 0.70 28.80 -17.12
C GLY B 98 2.17 29.05 -17.37
N ASP B 99 2.67 30.20 -16.90
CA ASP B 99 4.05 30.58 -17.15
C ASP B 99 5.02 29.74 -16.31
N SER B 100 6.11 29.31 -16.94
CA SER B 100 7.18 28.60 -16.26
C SER B 100 8.50 29.01 -16.90
N LEU B 101 9.59 28.36 -16.47
CA LEU B 101 10.89 28.62 -17.08
C LEU B 101 10.95 28.18 -18.54
N ILE B 102 10.20 27.14 -18.91
CA ILE B 102 10.10 26.72 -20.30
C ILE B 102 8.99 27.45 -21.04
N GLY B 103 8.45 28.51 -20.46
CA GLY B 103 7.39 29.29 -21.09
C GLY B 103 6.00 28.99 -20.56
N ASN B 104 5.01 29.48 -21.30
CA ASN B 104 3.60 29.27 -20.96
C ASN B 104 3.20 27.89 -21.43
N GLN B 105 3.17 26.91 -20.48
CA GLN B 105 2.82 25.57 -20.89
C GLN B 105 1.36 25.25 -20.58
N PRO B 106 0.74 24.39 -21.37
CA PRO B 106 -0.67 24.03 -21.13
C PRO B 106 -0.83 23.28 -19.82
N GLN B 107 -2.10 23.11 -19.42
CA GLN B 107 -2.41 22.43 -18.17
C GLN B 107 -2.23 20.93 -18.33
N HIS B 108 -1.34 20.36 -17.52
CA HIS B 108 -1.22 18.91 -17.40
CA HIS B 108 -1.18 18.91 -17.39
C HIS B 108 -1.64 18.48 -16.00
N PHE B 109 -2.12 17.25 -15.90
CA PHE B 109 -2.69 16.74 -14.66
C PHE B 109 -1.74 15.74 -13.99
N GLY B 110 -1.94 15.59 -12.68
CA GLY B 110 -1.28 14.54 -11.93
C GLY B 110 -2.04 13.24 -12.00
N ASP B 111 -1.52 12.24 -11.29
CA ASP B 111 -2.12 10.91 -11.32
C ASP B 111 -3.41 10.81 -10.52
N GLY B 112 -3.72 11.81 -9.70
CA GLY B 112 -4.98 11.84 -8.98
C GLY B 112 -4.95 11.05 -7.68
N THR B 113 -5.92 11.34 -6.83
CA THR B 113 -6.09 10.66 -5.54
C THR B 113 -7.50 10.08 -5.50
N ARG B 114 -7.60 8.75 -5.60
CA ARG B 114 -8.89 8.08 -5.54
C ARG B 114 -9.34 8.00 -4.09
N LEU B 115 -10.40 8.71 -3.76
CA LEU B 115 -10.88 8.82 -2.38
C LEU B 115 -12.20 8.07 -2.25
N SER B 116 -12.21 7.05 -1.39
CA SER B 116 -13.42 6.31 -1.05
C SER B 116 -13.77 6.58 0.40
N ILE B 117 -15.02 6.99 0.63
CA ILE B 117 -15.50 7.37 1.95
C ILE B 117 -16.70 6.49 2.29
N LEU B 118 -16.55 5.66 3.32
CA LEU B 118 -17.56 4.68 3.70
C LEU B 118 -18.19 5.05 5.03
N GLU B 119 -19.42 4.54 5.23
CA GLU B 119 -20.09 4.72 6.51
C GLU B 119 -19.38 3.94 7.61
N ASP B 120 -18.82 2.78 7.29
CA ASP B 120 -18.16 1.94 8.27
C ASP B 120 -17.06 1.14 7.57
N LEU B 121 -15.83 1.24 8.08
CA LEU B 121 -14.71 0.55 7.46
C LEU B 121 -14.81 -0.96 7.57
N LYS B 122 -15.77 -1.49 8.33
CA LYS B 122 -16.00 -2.92 8.37
C LYS B 122 -16.54 -3.47 7.05
N ASN B 123 -16.99 -2.60 6.15
CA ASN B 123 -17.53 -3.04 4.86
C ASN B 123 -16.45 -3.23 3.81
N VAL B 124 -15.17 -3.10 4.17
CA VAL B 124 -14.08 -3.29 3.22
C VAL B 124 -13.80 -4.78 3.08
N PHE B 125 -13.92 -5.29 1.86
CA PHE B 125 -13.69 -6.70 1.58
C PHE B 125 -12.75 -6.85 0.40
N PRO B 126 -11.83 -7.82 0.46
CA PRO B 126 -10.95 -8.08 -0.68
C PRO B 126 -11.66 -8.95 -1.71
N PRO B 127 -11.17 -8.97 -2.95
CA PRO B 127 -11.85 -9.76 -3.98
C PRO B 127 -11.55 -11.25 -3.86
N GLU B 128 -12.52 -12.05 -4.29
CA GLU B 128 -12.32 -13.48 -4.48
C GLU B 128 -12.09 -13.71 -5.97
N VAL B 129 -10.92 -14.24 -6.31
CA VAL B 129 -10.47 -14.37 -7.69
C VAL B 129 -10.55 -15.83 -8.10
N ALA B 130 -11.13 -16.09 -9.27
CA ALA B 130 -11.25 -17.44 -9.80
C ALA B 130 -11.00 -17.42 -11.30
N VAL B 131 -10.19 -18.35 -11.78
CA VAL B 131 -9.90 -18.51 -13.20
C VAL B 131 -10.70 -19.68 -13.73
N PHE B 132 -11.27 -19.51 -14.92
CA PHE B 132 -12.09 -20.54 -15.56
C PHE B 132 -11.42 -20.96 -16.84
N GLU B 133 -11.08 -22.25 -16.94
CA GLU B 133 -10.30 -22.74 -18.06
C GLU B 133 -11.15 -22.74 -19.34
N PRO B 134 -10.50 -22.68 -20.51
CA PRO B 134 -11.25 -22.52 -21.76
C PRO B 134 -12.16 -23.70 -22.05
N SER B 135 -13.22 -23.42 -22.80
CA SER B 135 -14.15 -24.46 -23.23
C SER B 135 -13.53 -25.31 -24.33
N GLU B 136 -13.74 -26.63 -24.23
CA GLU B 136 -13.24 -27.53 -25.27
C GLU B 136 -13.95 -27.28 -26.60
N ALA B 137 -15.20 -26.83 -26.57
CA ALA B 137 -15.92 -26.55 -27.81
C ALA B 137 -15.32 -25.36 -28.54
N GLU B 138 -14.87 -24.34 -27.80
CA GLU B 138 -14.19 -23.21 -28.44
C GLU B 138 -12.85 -23.63 -29.03
N ILE B 139 -12.17 -24.58 -28.39
CA ILE B 139 -10.85 -25.00 -28.87
C ILE B 139 -10.97 -25.71 -30.21
N SER B 140 -11.91 -26.64 -30.33
CA SER B 140 -12.06 -27.40 -31.57
C SER B 140 -12.70 -26.58 -32.68
N HIS B 141 -13.54 -25.60 -32.33
CA HIS B 141 -14.28 -24.84 -33.34
C HIS B 141 -13.44 -23.69 -33.92
N THR B 142 -12.59 -23.07 -33.10
CA THR B 142 -11.86 -21.89 -33.53
C THR B 142 -10.34 -22.03 -33.43
N GLN B 143 -9.82 -23.10 -32.82
CA GLN B 143 -8.40 -23.25 -32.54
C GLN B 143 -7.88 -22.11 -31.66
N LYS B 144 -8.75 -21.53 -30.85
CA LYS B 144 -8.40 -20.50 -29.90
C LYS B 144 -9.01 -20.82 -28.55
N ALA B 145 -8.28 -20.54 -27.48
CA ALA B 145 -8.69 -20.85 -26.12
C ALA B 145 -8.76 -19.58 -25.31
N THR B 146 -9.93 -19.33 -24.69
CA THR B 146 -10.17 -18.11 -23.93
C THR B 146 -10.32 -18.46 -22.46
N LEU B 147 -9.41 -17.94 -21.63
CA LEU B 147 -9.55 -18.01 -20.19
C LEU B 147 -10.36 -16.81 -19.69
N VAL B 148 -11.13 -17.03 -18.64
CA VAL B 148 -11.94 -15.97 -18.03
C VAL B 148 -11.62 -15.91 -16.54
N CYS B 149 -11.42 -14.69 -16.04
CA CYS B 149 -11.12 -14.45 -14.64
C CYS B 149 -12.22 -13.59 -14.04
N LEU B 150 -12.72 -13.99 -12.88
CA LEU B 150 -13.76 -13.26 -12.16
C LEU B 150 -13.23 -12.85 -10.80
N ALA B 151 -13.25 -11.54 -10.53
CA ALA B 151 -12.96 -10.99 -9.21
C ALA B 151 -14.27 -10.47 -8.64
N THR B 152 -14.74 -11.10 -7.57
CA THR B 152 -16.06 -10.82 -7.04
C THR B 152 -16.01 -10.47 -5.56
N GLY B 153 -17.05 -9.79 -5.11
CA GLY B 153 -17.26 -9.57 -3.69
C GLY B 153 -16.25 -8.67 -3.02
N PHE B 154 -15.78 -7.63 -3.71
CA PHE B 154 -14.83 -6.69 -3.14
C PHE B 154 -15.48 -5.31 -3.02
N TYR B 155 -15.02 -4.54 -2.03
CA TYR B 155 -15.54 -3.22 -1.76
C TYR B 155 -14.51 -2.40 -1.00
N PRO B 156 -14.23 -1.16 -1.41
CA PRO B 156 -14.78 -0.53 -2.62
C PRO B 156 -14.08 -0.96 -3.90
N ASP B 157 -14.28 -0.23 -4.99
CA ASP B 157 -13.74 -0.60 -6.29
C ASP B 157 -12.31 -0.07 -6.44
N HIS B 158 -11.42 -0.69 -5.66
CA HIS B 158 -9.99 -0.36 -5.68
C HIS B 158 -9.21 -1.60 -6.08
N VAL B 159 -9.40 -2.05 -7.32
CA VAL B 159 -8.75 -3.25 -7.83
C VAL B 159 -8.03 -2.93 -9.12
N GLU B 160 -7.02 -3.76 -9.42
CA GLU B 160 -6.20 -3.61 -10.63
C GLU B 160 -5.90 -5.01 -11.14
N LEU B 161 -6.60 -5.42 -12.21
CA LEU B 161 -6.48 -6.77 -12.74
C LEU B 161 -5.40 -6.85 -13.81
N SER B 162 -4.61 -7.92 -13.76
CA SER B 162 -3.57 -8.15 -14.75
C SER B 162 -3.39 -9.65 -14.94
N TRP B 163 -2.96 -10.03 -16.14
CA TRP B 163 -2.71 -11.42 -16.49
C TRP B 163 -1.20 -11.67 -16.57
N TRP B 164 -0.79 -12.86 -16.12
CA TRP B 164 0.63 -13.22 -16.07
C TRP B 164 0.79 -14.61 -16.67
N VAL B 165 1.57 -14.69 -17.75
CA VAL B 165 1.83 -15.94 -18.45
C VAL B 165 3.31 -16.29 -18.28
N ASN B 166 3.58 -17.42 -17.64
CA ASN B 166 4.94 -17.90 -17.41
C ASN B 166 5.78 -16.87 -16.66
N GLY B 167 5.16 -16.18 -15.70
CA GLY B 167 5.85 -15.18 -14.91
C GLY B 167 5.96 -13.81 -15.52
N LYS B 168 5.56 -13.64 -16.78
CA LYS B 168 5.63 -12.35 -17.46
C LYS B 168 4.24 -11.77 -17.62
N GLU B 169 4.06 -10.51 -17.21
CA GLU B 169 2.80 -9.83 -17.41
C GLU B 169 2.57 -9.61 -18.90
N VAL B 170 1.39 -9.98 -19.39
CA VAL B 170 1.05 -9.89 -20.80
C VAL B 170 -0.07 -8.87 -20.98
N HIS B 171 -0.12 -8.28 -22.18
CA HIS B 171 -1.18 -7.38 -22.57
C HIS B 171 -1.91 -7.81 -23.83
N SER B 172 -1.27 -8.61 -24.70
CA SER B 172 -1.93 -9.07 -25.92
C SER B 172 -2.99 -10.11 -25.59
N GLY B 173 -4.10 -10.05 -26.32
CA GLY B 173 -5.19 -10.99 -26.10
C GLY B 173 -5.91 -10.83 -24.78
N VAL B 174 -5.76 -9.68 -24.12
CA VAL B 174 -6.34 -9.42 -22.82
C VAL B 174 -7.33 -8.28 -22.95
N CYS B 175 -8.54 -8.48 -22.43
N CYS B 175 -8.51 -8.45 -22.37
CA CYS B 175 -9.55 -7.42 -22.33
CA CYS B 175 -9.50 -7.37 -22.35
C CYS B 175 -10.21 -7.54 -20.98
C CYS B 175 -10.30 -7.46 -21.06
N THR B 176 -10.10 -6.50 -20.17
CA THR B 176 -10.76 -6.44 -18.88
C THR B 176 -11.88 -5.40 -18.95
N ASP B 177 -12.94 -5.65 -18.18
CA ASP B 177 -14.04 -4.69 -18.13
C ASP B 177 -13.53 -3.31 -17.76
N PRO B 178 -14.04 -2.25 -18.39
CA PRO B 178 -13.57 -0.90 -18.06
C PRO B 178 -13.89 -0.48 -16.64
N GLN B 179 -15.02 -0.92 -16.09
CA GLN B 179 -15.43 -0.57 -14.74
C GLN B 179 -16.14 -1.76 -14.10
N PRO B 180 -15.95 -1.96 -12.80
CA PRO B 180 -16.64 -3.06 -12.12
C PRO B 180 -18.14 -2.82 -12.06
N LEU B 181 -18.89 -3.91 -12.05
CA LEU B 181 -20.34 -3.84 -11.94
C LEU B 181 -20.79 -4.15 -10.51
N LYS B 182 -21.87 -3.51 -10.10
CA LYS B 182 -22.42 -3.77 -8.77
C LYS B 182 -23.14 -5.11 -8.75
N GLU B 183 -22.90 -5.88 -7.70
CA GLU B 183 -23.55 -7.19 -7.59
C GLU B 183 -25.02 -7.06 -7.23
N GLN B 184 -25.40 -5.98 -6.55
CA GLN B 184 -26.81 -5.66 -6.31
C GLN B 184 -26.97 -4.16 -6.53
N PRO B 185 -27.30 -3.75 -7.77
CA PRO B 185 -27.22 -2.32 -8.12
C PRO B 185 -28.09 -1.41 -7.27
N ALA B 186 -29.26 -1.88 -6.83
CA ALA B 186 -30.14 -1.04 -6.03
C ALA B 186 -29.51 -0.68 -4.68
N LEU B 187 -28.76 -1.62 -4.11
CA LEU B 187 -28.13 -1.38 -2.82
C LEU B 187 -26.98 -0.39 -2.96
N ASN B 188 -26.91 0.56 -2.02
CA ASN B 188 -25.83 1.54 -2.04
C ASN B 188 -24.53 1.00 -1.47
N ASP B 189 -24.57 -0.12 -0.74
CA ASP B 189 -23.38 -0.75 -0.19
C ASP B 189 -22.96 -1.98 -0.98
N SER B 190 -23.42 -2.09 -2.23
CA SER B 190 -23.19 -3.30 -3.01
C SER B 190 -21.70 -3.52 -3.27
N ARG B 191 -21.28 -4.77 -3.14
CA ARG B 191 -19.92 -5.15 -3.51
C ARG B 191 -19.83 -5.30 -5.02
N TYR B 192 -18.60 -5.32 -5.53
CA TYR B 192 -18.37 -5.26 -6.97
C TYR B 192 -17.87 -6.59 -7.52
N ALA B 193 -18.13 -6.79 -8.80
CA ALA B 193 -17.59 -7.91 -9.57
C ALA B 193 -16.86 -7.35 -10.79
N LEU B 194 -15.95 -8.16 -11.34
CA LEU B 194 -15.15 -7.74 -12.47
C LEU B 194 -14.72 -8.97 -13.26
N SER B 195 -14.91 -8.92 -14.58
CA SER B 195 -14.52 -10.01 -15.47
C SER B 195 -13.36 -9.57 -16.36
N SER B 196 -12.65 -10.55 -16.88
CA SER B 196 -11.54 -10.32 -17.79
C SER B 196 -11.25 -11.60 -18.55
N ARG B 197 -10.80 -11.45 -19.79
CA ARG B 197 -10.54 -12.58 -20.67
C ARG B 197 -9.11 -12.54 -21.16
N LEU B 198 -8.46 -13.71 -21.17
CA LEU B 198 -7.18 -13.90 -21.83
C LEU B 198 -7.36 -14.97 -22.89
N ARG B 199 -7.10 -14.62 -24.14
CA ARG B 199 -7.26 -15.53 -25.27
C ARG B 199 -5.91 -15.83 -25.89
N VAL B 200 -5.61 -17.12 -26.02
CA VAL B 200 -4.38 -17.58 -26.64
C VAL B 200 -4.74 -18.62 -27.70
N SER B 201 -3.76 -18.98 -28.52
CA SER B 201 -3.96 -20.06 -29.48
C SER B 201 -4.18 -21.37 -28.74
N ALA B 202 -4.98 -22.26 -29.33
CA ALA B 202 -5.29 -23.52 -28.70
C ALA B 202 -4.03 -24.34 -28.42
N THR B 203 -3.03 -24.25 -29.29
CA THR B 203 -1.79 -24.97 -29.07
C THR B 203 -1.02 -24.43 -27.88
N PHE B 204 -1.11 -23.12 -27.63
CA PHE B 204 -0.41 -22.53 -26.49
C PHE B 204 -1.08 -22.92 -25.18
N TRP B 205 -2.41 -22.95 -25.15
CA TRP B 205 -3.11 -23.37 -23.94
C TRP B 205 -2.91 -24.86 -23.69
N GLN B 206 -2.87 -25.67 -24.74
CA GLN B 206 -2.73 -27.11 -24.60
C GLN B 206 -1.30 -27.54 -24.29
N ASN B 207 -0.39 -26.59 -24.08
CA ASN B 207 0.96 -26.91 -23.61
C ASN B 207 0.93 -26.95 -22.08
N PRO B 208 1.11 -28.11 -21.46
CA PRO B 208 1.05 -28.18 -19.99
C PRO B 208 2.22 -27.48 -19.29
N ARG B 209 3.21 -26.98 -20.04
CA ARG B 209 4.29 -26.21 -19.45
C ARG B 209 3.96 -24.73 -19.29
N ASN B 210 2.88 -24.26 -19.90
CA ASN B 210 2.50 -22.85 -19.78
C ASN B 210 1.70 -22.63 -18.51
N HIS B 211 2.04 -21.54 -17.81
CA HIS B 211 1.40 -21.19 -16.55
C HIS B 211 0.63 -19.89 -16.73
N PHE B 212 -0.65 -19.90 -16.33
CA PHE B 212 -1.54 -18.76 -16.48
C PHE B 212 -2.02 -18.33 -15.09
N ARG B 213 -1.80 -17.06 -14.76
CA ARG B 213 -2.19 -16.52 -13.47
C ARG B 213 -2.96 -15.22 -13.66
N CYS B 214 -4.06 -15.08 -12.94
CA CYS B 214 -4.86 -13.85 -12.92
C CYS B 214 -4.60 -13.11 -11.62
N GLN B 215 -3.85 -12.03 -11.70
CA GLN B 215 -3.48 -11.24 -10.52
C GLN B 215 -4.42 -10.06 -10.37
N VAL B 216 -4.93 -9.87 -9.16
CA VAL B 216 -5.83 -8.76 -8.84
C VAL B 216 -5.24 -8.02 -7.63
N GLN B 217 -4.69 -6.84 -7.88
CA GLN B 217 -4.17 -6.00 -6.81
C GLN B 217 -5.32 -5.26 -6.13
N PHE B 218 -5.46 -5.44 -4.82
CA PHE B 218 -6.51 -4.80 -4.05
C PHE B 218 -5.88 -3.76 -3.13
N TYR B 219 -6.46 -2.57 -3.10
CA TYR B 219 -6.00 -1.49 -2.23
C TYR B 219 -7.03 -1.33 -1.13
N GLY B 220 -6.64 -1.68 0.10
CA GLY B 220 -7.56 -1.63 1.23
C GLY B 220 -7.11 -0.74 2.35
N LEU B 221 -7.24 -1.22 3.58
CA LEU B 221 -6.86 -0.45 4.75
C LEU B 221 -5.35 -0.42 4.93
N SER B 222 -4.89 0.51 5.77
CA SER B 222 -3.48 0.68 6.08
C SER B 222 -3.19 0.16 7.49
N GLU B 223 -1.91 0.27 7.88
CA GLU B 223 -1.50 -0.21 9.20
C GLU B 223 -2.18 0.57 10.31
N ASN B 224 -2.18 1.90 10.21
CA ASN B 224 -2.77 2.73 11.25
C ASN B 224 -4.27 2.58 11.35
N ASP B 225 -4.92 2.06 10.32
CA ASP B 225 -6.37 1.84 10.35
C ASP B 225 -6.69 0.73 11.35
N GLU B 226 -7.49 1.05 12.36
CA GLU B 226 -7.88 0.07 13.36
C GLU B 226 -8.78 -1.00 12.74
N TRP B 227 -8.65 -2.22 13.24
CA TRP B 227 -9.42 -3.35 12.73
C TRP B 227 -9.62 -4.35 13.86
N THR B 228 -10.88 -4.54 14.27
CA THR B 228 -11.25 -5.47 15.34
C THR B 228 -12.35 -6.39 14.81
N GLN B 229 -11.96 -7.37 13.99
CA GLN B 229 -12.89 -8.34 13.44
C GLN B 229 -12.20 -9.70 13.39
N ASP B 230 -13.00 -10.76 13.52
CA ASP B 230 -12.46 -12.10 13.36
C ASP B 230 -11.93 -12.32 11.95
N ARG B 231 -12.55 -11.67 10.97
CA ARG B 231 -12.09 -11.77 9.59
C ARG B 231 -10.71 -11.15 9.44
N ALA B 232 -9.93 -11.68 8.50
CA ALA B 232 -8.60 -11.15 8.24
C ALA B 232 -8.69 -9.69 7.79
N LYS B 233 -7.77 -8.89 8.29
CA LYS B 233 -7.77 -7.44 8.01
C LYS B 233 -7.65 -7.19 6.51
N PRO B 234 -8.60 -6.48 5.90
CA PRO B 234 -8.55 -6.25 4.44
C PRO B 234 -7.55 -5.16 4.07
N VAL B 235 -6.26 -5.50 4.22
CA VAL B 235 -5.19 -4.57 3.88
C VAL B 235 -4.97 -4.59 2.37
N THR B 236 -4.04 -3.77 1.90
CA THR B 236 -3.63 -3.83 0.50
C THR B 236 -2.96 -5.17 0.23
N GLN B 237 -3.50 -5.93 -0.72
CA GLN B 237 -3.04 -7.28 -0.95
C GLN B 237 -3.28 -7.66 -2.40
N ILE B 238 -2.69 -8.78 -2.81
CA ILE B 238 -2.86 -9.35 -4.14
C ILE B 238 -3.54 -10.70 -3.98
N VAL B 239 -4.71 -10.85 -4.59
CA VAL B 239 -5.45 -12.11 -4.62
C VAL B 239 -5.35 -12.66 -6.04
N SER B 240 -5.03 -13.95 -6.16
CA SER B 240 -4.74 -14.53 -7.46
C SER B 240 -5.39 -15.90 -7.58
N ALA B 241 -5.61 -16.29 -8.84
CA ALA B 241 -6.01 -17.64 -9.21
C ALA B 241 -5.20 -18.03 -10.44
N GLU B 242 -4.82 -19.29 -10.53
CA GLU B 242 -3.93 -19.73 -11.59
C GLU B 242 -4.41 -21.06 -12.17
N ALA B 243 -3.83 -21.41 -13.31
CA ALA B 243 -4.14 -22.66 -13.99
C ALA B 243 -3.00 -22.99 -14.94
N TRP B 244 -2.65 -24.27 -15.01
CA TRP B 244 -1.66 -24.74 -15.97
C TRP B 244 -2.34 -25.22 -17.25
N GLY B 245 -1.54 -25.34 -18.31
CA GLY B 245 -2.04 -25.91 -19.54
C GLY B 245 -2.34 -27.39 -19.39
N ARG B 246 -3.10 -27.91 -20.35
CA ARG B 246 -3.50 -29.32 -20.31
C ARG B 246 -3.85 -29.80 -21.71
N ALA B 247 -3.55 -31.06 -21.97
CA ALA B 247 -3.83 -31.68 -23.26
C ALA B 247 -4.51 -33.04 -23.08
N VAL C 5 14.44 18.79 34.95
CA VAL C 5 14.99 17.68 34.18
C VAL C 5 14.51 16.35 34.74
N GLU C 6 14.44 15.34 33.88
CA GLU C 6 14.06 13.98 34.25
C GLU C 6 15.19 13.04 33.84
N GLN C 7 15.62 12.19 34.77
CA GLN C 7 16.82 11.38 34.59
C GLN C 7 16.48 9.90 34.55
N ASN C 8 16.83 9.24 33.44
CA ASN C 8 16.78 7.79 33.30
C ASN C 8 18.17 7.30 32.89
N SER C 9 18.46 6.03 33.19
CA SER C 9 19.76 5.44 32.91
C SER C 9 19.72 4.66 31.59
N GLY C 10 20.78 3.89 31.33
CA GLY C 10 20.98 3.29 30.02
C GLY C 10 20.41 1.89 29.86
N PRO C 11 21.30 0.89 29.73
CA PRO C 11 20.85 -0.48 29.42
C PRO C 11 20.85 -1.42 30.61
N LEU C 12 19.74 -2.13 30.82
CA LEU C 12 19.56 -2.99 31.98
C LEU C 12 19.27 -4.42 31.54
N SER C 13 19.92 -5.37 32.21
CA SER C 13 19.73 -6.80 31.96
C SER C 13 19.17 -7.44 33.21
N VAL C 14 18.01 -8.10 33.07
CA VAL C 14 17.31 -8.70 34.21
C VAL C 14 17.03 -10.16 33.89
N PRO C 15 17.30 -11.09 34.81
CA PRO C 15 16.96 -12.50 34.55
C PRO C 15 15.46 -12.71 34.45
N GLU C 16 15.08 -13.68 33.61
CA GLU C 16 13.68 -14.03 33.43
C GLU C 16 13.06 -14.50 34.75
N GLY C 17 11.89 -13.97 35.07
CA GLY C 17 11.19 -14.32 36.29
C GLY C 17 11.52 -13.45 37.48
N ALA C 18 12.57 -12.63 37.41
CA ALA C 18 12.95 -11.75 38.49
C ALA C 18 12.28 -10.39 38.36
N ILE C 19 12.32 -9.62 39.44
CA ILE C 19 11.77 -8.27 39.43
C ILE C 19 12.74 -7.34 38.71
N ALA C 20 12.23 -6.60 37.75
CA ALA C 20 13.01 -5.60 37.02
C ALA C 20 12.73 -4.23 37.62
N SER C 21 13.78 -3.56 38.09
CA SER C 21 13.65 -2.28 38.76
C SER C 21 14.11 -1.16 37.83
N LEU C 22 13.17 -0.29 37.46
CA LEU C 22 13.46 0.91 36.67
C LEU C 22 13.17 2.12 37.54
N ASN C 23 14.14 3.03 37.63
CA ASN C 23 14.04 4.18 38.51
C ASN C 23 14.17 5.48 37.72
N CYS C 24 13.69 6.55 38.35
CA CYS C 24 13.58 7.85 37.71
C CYS C 24 13.67 8.94 38.76
N THR C 25 14.42 9.99 38.46
CA THR C 25 14.56 11.14 39.35
C THR C 25 14.14 12.41 38.61
N TYR C 26 13.61 13.36 39.36
CA TYR C 26 13.14 14.63 38.81
C TYR C 26 13.57 15.78 39.72
N SER C 27 13.85 16.92 39.09
CA SER C 27 14.37 18.07 39.82
C SER C 27 13.26 18.89 40.46
N ASP C 28 12.20 19.18 39.69
CA ASP C 28 11.13 20.03 40.19
C ASP C 28 10.35 19.33 41.30
N ARG C 29 10.33 19.95 42.48
CA ARG C 29 9.58 19.40 43.60
C ARG C 29 8.10 19.77 43.54
N GLY C 30 7.74 20.81 42.79
CA GLY C 30 6.35 21.10 42.52
C GLY C 30 5.70 20.20 41.50
N SER C 31 6.40 19.15 41.07
CA SER C 31 5.84 18.19 40.13
C SER C 31 4.65 17.47 40.74
N GLN C 32 3.59 17.31 39.95
CA GLN C 32 2.32 16.77 40.43
C GLN C 32 1.94 15.43 39.81
N SER C 33 2.34 15.15 38.58
CA SER C 33 1.93 13.95 37.87
C SER C 33 3.17 13.23 37.33
N PHE C 34 3.15 11.91 37.42
CA PHE C 34 4.29 11.08 37.04
C PHE C 34 3.78 9.90 36.23
N PHE C 35 4.41 9.64 35.08
CA PHE C 35 3.92 8.67 34.12
C PHE C 35 5.04 7.75 33.66
N TRP C 36 4.70 6.49 33.46
CA TRP C 36 5.62 5.50 32.91
C TRP C 36 5.10 5.05 31.56
N TYR C 37 5.96 5.03 30.55
CA TYR C 37 5.63 4.60 29.20
C TYR C 37 6.52 3.43 28.81
N ARG C 38 5.95 2.48 28.09
CA ARG C 38 6.69 1.37 27.50
C ARG C 38 6.66 1.53 25.98
N GLN C 39 7.82 1.43 25.35
CA GLN C 39 7.96 1.62 23.91
C GLN C 39 8.83 0.52 23.34
N TYR C 40 8.26 -0.24 22.41
CA TYR C 40 9.05 -1.22 21.66
C TYR C 40 9.80 -0.50 20.52
N SER C 41 10.78 -1.22 19.96
CA SER C 41 11.80 -0.58 19.13
C SER C 41 11.19 0.18 17.95
N GLY C 42 10.25 -0.45 17.23
CA GLY C 42 9.63 0.19 16.10
C GLY C 42 8.25 0.75 16.32
N LYS C 43 7.73 0.74 17.54
CA LYS C 43 6.36 1.16 17.82
C LYS C 43 6.33 2.45 18.61
N SER C 44 5.12 2.97 18.79
CA SER C 44 4.93 4.24 19.48
C SER C 44 4.90 4.04 20.99
N PRO C 45 5.21 5.09 21.75
CA PRO C 45 5.16 4.97 23.22
C PRO C 45 3.75 4.68 23.70
N GLU C 46 3.64 3.71 24.61
CA GLU C 46 2.36 3.31 25.19
C GLU C 46 2.40 3.57 26.69
N LEU C 47 1.41 4.30 27.19
CA LEU C 47 1.30 4.52 28.63
C LEU C 47 0.89 3.23 29.33
N ILE C 48 1.58 2.92 30.44
CA ILE C 48 1.32 1.71 31.19
C ILE C 48 0.89 1.99 32.63
N MET C 49 1.47 3.02 33.25
CA MET C 49 1.15 3.34 34.63
C MET C 49 1.22 4.84 34.84
N PHE C 50 0.45 5.32 35.81
CA PHE C 50 0.55 6.71 36.25
C PHE C 50 0.22 6.79 37.74
N ILE C 51 0.89 7.71 38.42
CA ILE C 51 0.75 7.89 39.86
C ILE C 51 0.91 9.37 40.17
N TYR C 52 0.18 9.84 41.18
N TYR C 52 0.16 9.83 41.17
CA TYR C 52 0.23 11.24 41.56
CA TYR C 52 0.14 11.23 41.56
C TYR C 52 0.40 11.49 43.06
C TYR C 52 0.47 11.46 43.03
N SER C 53 0.32 10.46 43.90
CA SER C 53 0.55 10.60 45.32
C SER C 53 1.55 9.55 45.80
N ASN C 54 2.20 9.85 46.92
CA ASN C 54 3.21 8.94 47.45
C ASN C 54 2.58 7.62 47.86
N GLY C 55 3.21 6.54 47.43
CA GLY C 55 2.70 5.20 47.69
C GLY C 55 3.02 4.30 46.51
N ASP C 56 2.35 3.15 46.48
CA ASP C 56 2.52 2.19 45.40
C ASP C 56 1.22 2.06 44.62
N LYS C 57 1.36 1.78 43.33
CA LYS C 57 0.22 1.51 42.46
C LYS C 57 0.49 0.23 41.67
N GLU C 58 -0.50 -0.66 41.64
CA GLU C 58 -0.36 -1.97 41.02
C GLU C 58 -1.31 -2.09 39.83
N ASP C 59 -0.81 -2.70 38.76
CA ASP C 59 -1.64 -3.08 37.61
C ASP C 59 -1.01 -4.33 37.01
N GLY C 60 -1.48 -5.49 37.48
CA GLY C 60 -0.91 -6.75 37.05
C GLY C 60 0.50 -6.95 37.58
N ARG C 61 1.45 -7.16 36.68
CA ARG C 61 2.84 -7.35 37.05
C ARG C 61 3.61 -6.04 37.14
N PHE C 62 2.96 -4.90 36.91
CA PHE C 62 3.59 -3.59 37.02
C PHE C 62 3.29 -2.98 38.38
N THR C 63 4.32 -2.46 39.02
CA THR C 63 4.18 -1.73 40.27
C THR C 63 4.89 -0.39 40.13
N ALA C 64 4.18 0.70 40.43
CA ALA C 64 4.72 2.05 40.34
C ALA C 64 4.86 2.61 41.75
N GLN C 65 6.06 3.07 42.08
CA GLN C 65 6.35 3.64 43.40
C GLN C 65 6.79 5.09 43.24
N LEU C 66 6.28 5.95 44.11
CA LEU C 66 6.58 7.37 44.08
C LEU C 66 6.92 7.85 45.47
N ASN C 67 8.00 8.61 45.59
CA ASN C 67 8.39 9.26 46.84
C ASN C 67 8.76 10.70 46.49
N LYS C 68 7.83 11.63 46.71
CA LYS C 68 8.11 13.02 46.39
C LYS C 68 9.08 13.66 47.38
N ALA C 69 9.30 13.02 48.53
CA ALA C 69 10.33 13.51 49.45
C ALA C 69 11.72 13.27 48.88
N SER C 70 11.98 12.05 48.42
CA SER C 70 13.25 11.71 47.78
C SER C 70 13.25 11.99 46.28
N GLN C 71 12.12 12.42 45.73
CA GLN C 71 12.03 12.84 44.33
C GLN C 71 12.43 11.72 43.38
N TYR C 72 11.84 10.54 43.58
CA TYR C 72 12.05 9.43 42.66
C TYR C 72 10.73 8.78 42.32
N VAL C 73 10.64 8.26 41.10
CA VAL C 73 9.55 7.42 40.64
C VAL C 73 10.15 6.11 40.18
N SER C 74 9.58 4.99 40.61
CA SER C 74 10.08 3.67 40.28
C SER C 74 9.00 2.85 39.59
N LEU C 75 9.43 1.99 38.67
CA LEU C 75 8.58 1.02 38.02
C LEU C 75 9.16 -0.37 38.25
N LEU C 76 8.38 -1.23 38.90
CA LEU C 76 8.78 -2.60 39.18
C LEU C 76 7.97 -3.55 38.31
N ILE C 77 8.67 -4.43 37.60
CA ILE C 77 8.04 -5.40 36.72
C ILE C 77 8.22 -6.77 37.35
N ARG C 78 7.14 -7.30 37.91
CA ARG C 78 7.17 -8.60 38.57
C ARG C 78 7.22 -9.72 37.55
N ASP C 79 7.96 -10.77 37.86
CA ASP C 79 8.05 -11.98 37.05
C ASP C 79 8.36 -11.63 35.59
N SER C 80 9.49 -10.94 35.41
CA SER C 80 9.83 -10.40 34.10
C SER C 80 9.94 -11.49 33.05
N GLN C 81 9.43 -11.19 31.86
CA GLN C 81 9.44 -12.07 30.71
C GLN C 81 10.25 -11.45 29.58
N PRO C 82 10.81 -12.26 28.68
CA PRO C 82 11.49 -11.68 27.51
C PRO C 82 10.59 -10.79 26.67
N SER C 83 9.27 -10.91 26.80
CA SER C 83 8.37 -10.02 26.07
C SER C 83 8.37 -8.61 26.66
N ASP C 84 8.82 -8.44 27.91
CA ASP C 84 8.90 -7.12 28.52
C ASP C 84 10.13 -6.34 28.06
N SER C 85 10.99 -6.93 27.23
CA SER C 85 12.20 -6.27 26.79
C SER C 85 11.84 -5.09 25.89
N ALA C 86 12.02 -3.88 26.40
CA ALA C 86 11.69 -2.67 25.66
C ALA C 86 12.33 -1.48 26.37
N THR C 87 12.16 -0.31 25.79
CA THR C 87 12.60 0.94 26.41
C THR C 87 11.44 1.53 27.21
N TYR C 88 11.72 1.89 28.47
CA TYR C 88 10.71 2.38 29.38
C TYR C 88 10.98 3.85 29.67
N LEU C 89 9.98 4.69 29.39
CA LEU C 89 10.11 6.14 29.44
C LEU C 89 9.44 6.68 30.70
N CYS C 90 10.15 7.56 31.40
CA CYS C 90 9.63 8.24 32.58
C CYS C 90 9.19 9.64 32.18
N ALA C 91 7.97 10.01 32.56
CA ALA C 91 7.41 11.31 32.23
C ALA C 91 6.90 11.99 33.50
N VAL C 92 7.18 13.28 33.63
CA VAL C 92 6.81 14.05 34.82
C VAL C 92 6.14 15.34 34.37
N ARG C 93 5.02 15.67 34.99
CA ARG C 93 4.32 16.94 34.76
C ARG C 93 4.67 17.92 35.86
N ASP C 94 5.10 19.12 35.47
CA ASP C 94 5.46 20.15 36.43
C ASP C 94 4.20 20.79 37.01
N ALA C 95 4.40 21.80 37.85
CA ALA C 95 3.26 22.47 38.48
C ALA C 95 2.38 23.18 37.48
N GLY C 96 2.95 23.60 36.34
CA GLY C 96 2.19 24.27 35.32
C GLY C 96 1.61 23.32 34.28
N ASN C 97 1.55 22.03 34.62
CA ASN C 97 0.98 21.00 33.76
C ASN C 97 1.73 20.92 32.43
N MET C 98 3.06 20.84 32.50
CA MET C 98 3.91 20.63 31.34
C MET C 98 4.67 19.32 31.53
N LEU C 99 4.53 18.42 30.57
CA LEU C 99 5.12 17.09 30.67
C LEU C 99 6.55 17.11 30.12
N THR C 100 7.46 16.47 30.86
CA THR C 100 8.85 16.35 30.47
C THR C 100 9.24 14.88 30.49
N PHE C 101 9.73 14.38 29.35
CA PHE C 101 10.12 12.99 29.23
C PHE C 101 11.58 12.79 29.62
N GLY C 102 11.88 11.60 30.14
CA GLY C 102 13.25 11.21 30.38
C GLY C 102 13.86 10.51 29.18
N GLY C 103 15.16 10.21 29.29
CA GLY C 103 15.87 9.55 28.21
C GLY C 103 15.44 8.12 27.99
N GLY C 104 14.81 7.50 28.97
CA GLY C 104 14.41 6.11 28.85
C GLY C 104 15.51 5.16 29.24
N THR C 105 15.11 3.96 29.67
CA THR C 105 16.03 2.90 30.09
C THR C 105 15.67 1.64 29.33
N ARG C 106 16.58 1.19 28.47
CA ARG C 106 16.32 -0.02 27.68
C ARG C 106 16.45 -1.24 28.58
N LEU C 107 15.40 -2.06 28.62
CA LEU C 107 15.35 -3.26 29.43
C LEU C 107 15.51 -4.47 28.54
N MET C 108 16.39 -5.39 28.95
CA MET C 108 16.60 -6.65 28.25
C MET C 108 16.44 -7.79 29.25
N VAL C 109 15.35 -8.55 29.14
CA VAL C 109 15.10 -9.68 30.01
C VAL C 109 15.77 -10.90 29.39
N LYS C 110 16.87 -11.33 29.97
CA LYS C 110 17.64 -12.45 29.43
C LYS C 110 16.96 -13.76 29.80
N PRO C 111 16.65 -14.61 28.83
CA PRO C 111 15.92 -15.85 29.11
C PRO C 111 16.80 -16.90 29.76
N ASN C 112 16.14 -17.80 30.50
CA ASN C 112 16.81 -18.88 31.19
C ASN C 112 16.95 -20.09 30.26
N ILE C 113 18.17 -20.54 30.05
CA ILE C 113 18.45 -21.74 29.26
C ILE C 113 18.74 -22.86 30.25
N GLN C 114 17.84 -23.84 30.31
CA GLN C 114 17.95 -24.88 31.32
C GLN C 114 19.11 -25.83 31.03
N ASN C 115 19.17 -26.38 29.82
CA ASN C 115 20.22 -27.32 29.43
C ASN C 115 20.86 -26.85 28.14
N PRO C 116 21.91 -26.02 28.23
CA PRO C 116 22.60 -25.57 27.02
C PRO C 116 23.25 -26.73 26.29
N ASP C 117 23.10 -26.73 24.97
CA ASP C 117 23.69 -27.76 24.10
C ASP C 117 24.31 -27.07 22.90
N PRO C 118 25.41 -26.35 23.08
CA PRO C 118 25.99 -25.57 21.98
C PRO C 118 26.36 -26.47 20.81
N ALA C 119 25.93 -26.05 19.61
CA ALA C 119 26.16 -26.83 18.41
C ALA C 119 26.01 -25.92 17.19
N VAL C 120 26.66 -26.33 16.11
CA VAL C 120 26.60 -25.61 14.84
C VAL C 120 26.20 -26.60 13.76
N TYR C 121 25.08 -26.33 13.09
CA TYR C 121 24.56 -27.20 12.05
C TYR C 121 24.57 -26.48 10.71
N GLN C 122 24.50 -27.27 9.64
CA GLN C 122 24.45 -26.75 8.28
C GLN C 122 23.09 -27.08 7.67
N LEU C 123 22.40 -26.05 7.18
CA LEU C 123 21.05 -26.18 6.65
C LEU C 123 21.07 -26.14 5.13
N ARG C 124 20.50 -27.16 4.50
CA ARG C 124 20.35 -27.19 3.06
C ARG C 124 19.21 -26.26 2.63
N ASP C 125 19.27 -25.84 1.37
CA ASP C 125 18.24 -24.97 0.81
C ASP C 125 17.13 -25.81 0.18
N SER C 126 15.90 -25.34 0.33
CA SER C 126 14.73 -26.04 -0.18
C SER C 126 14.43 -25.74 -1.64
N LYS C 127 15.30 -24.99 -2.32
CA LYS C 127 15.08 -24.64 -3.73
C LYS C 127 16.37 -24.72 -4.53
N LYS C 131 22.09 -22.31 -2.32
CA LYS C 131 22.80 -21.74 -1.18
C LYS C 131 22.64 -22.61 0.06
N SER C 132 23.27 -22.20 1.16
CA SER C 132 23.19 -22.93 2.42
C SER C 132 23.64 -22.01 3.54
N VAL C 133 23.06 -22.21 4.72
CA VAL C 133 23.35 -21.39 5.89
C VAL C 133 23.84 -22.27 7.02
N CYS C 134 24.44 -21.62 8.01
CA CYS C 134 24.91 -22.28 9.22
C CYS C 134 24.12 -21.76 10.42
N LEU C 135 23.96 -22.60 11.43
CA LEU C 135 23.12 -22.28 12.58
C LEU C 135 23.87 -22.58 13.87
N PHE C 136 24.29 -21.54 14.57
CA PHE C 136 24.83 -21.66 15.93
C PHE C 136 23.65 -21.51 16.89
N THR C 137 23.31 -22.58 17.60
CA THR C 137 22.10 -22.60 18.42
C THR C 137 22.35 -23.34 19.72
N ASP C 138 21.42 -23.14 20.66
CA ASP C 138 21.36 -23.86 21.94
C ASP C 138 22.54 -23.54 22.84
N PHE C 139 23.08 -22.32 22.76
CA PHE C 139 24.13 -21.88 23.66
C PHE C 139 23.55 -21.07 24.80
N ASP C 140 24.31 -20.97 25.88
CA ASP C 140 23.85 -20.27 27.08
C ASP C 140 23.76 -18.77 26.83
N SER C 141 22.97 -18.10 27.67
CA SER C 141 22.77 -16.66 27.50
C SER C 141 24.01 -15.85 27.88
N GLN C 142 24.95 -16.44 28.63
CA GLN C 142 26.19 -15.74 28.95
C GLN C 142 27.07 -15.54 27.73
N THR C 143 26.77 -16.20 26.61
CA THR C 143 27.57 -16.10 25.41
C THR C 143 27.06 -14.95 24.54
N ASN C 144 28.00 -14.21 23.95
CA ASN C 144 27.70 -13.13 23.02
C ASN C 144 28.34 -13.44 21.68
N VAL C 145 27.57 -13.25 20.61
CA VAL C 145 28.04 -13.57 19.26
C VAL C 145 28.63 -12.32 18.63
N SER C 146 29.85 -12.45 18.12
CA SER C 146 30.53 -11.35 17.45
C SER C 146 30.20 -11.38 15.96
N GLN C 147 30.05 -10.19 15.37
CA GLN C 147 29.72 -10.10 13.96
C GLN C 147 30.90 -10.54 13.11
N SER C 148 30.61 -10.81 11.83
CA SER C 148 31.61 -11.40 10.95
C SER C 148 32.76 -10.44 10.70
N LYS C 149 33.98 -10.97 10.76
CA LYS C 149 35.18 -10.20 10.43
C LYS C 149 35.35 -10.01 8.92
N ASP C 150 34.67 -10.83 8.11
CA ASP C 150 34.71 -10.70 6.66
C ASP C 150 33.59 -9.80 6.17
N SER C 151 33.77 -9.25 4.98
CA SER C 151 32.73 -8.49 4.30
C SER C 151 31.87 -9.37 3.39
N ASP C 152 32.31 -10.58 3.09
CA ASP C 152 31.54 -11.53 2.30
C ASP C 152 30.77 -12.54 3.16
N VAL C 153 31.11 -12.65 4.45
CA VAL C 153 30.40 -13.51 5.39
C VAL C 153 29.48 -12.64 6.24
N TYR C 154 28.27 -13.13 6.49
CA TYR C 154 27.27 -12.41 7.26
C TYR C 154 26.89 -13.23 8.48
N ILE C 155 26.81 -12.57 9.63
CA ILE C 155 26.44 -13.20 10.89
C ILE C 155 25.42 -12.32 11.60
N THR C 156 24.32 -12.91 12.04
CA THR C 156 23.28 -12.19 12.75
C THR C 156 23.53 -12.24 14.25
N ASP C 157 22.85 -11.35 14.98
CA ASP C 157 22.93 -11.34 16.43
C ASP C 157 22.17 -12.54 17.00
N LYS C 158 22.32 -12.75 18.31
CA LYS C 158 21.62 -13.83 18.98
C LYS C 158 20.12 -13.62 18.88
N CYS C 159 19.37 -14.73 18.91
CA CYS C 159 17.92 -14.71 18.82
C CYS C 159 17.37 -15.78 19.74
N VAL C 160 16.23 -15.49 20.38
CA VAL C 160 15.64 -16.38 21.38
C VAL C 160 14.21 -16.68 20.98
N LEU C 161 13.94 -17.95 20.66
CA LEU C 161 12.59 -18.43 20.44
C LEU C 161 12.09 -19.19 21.66
N ASP C 162 10.76 -19.23 21.81
CA ASP C 162 10.12 -19.90 22.94
C ASP C 162 9.13 -20.92 22.41
N MET C 163 9.49 -22.20 22.54
CA MET C 163 8.54 -23.29 22.31
C MET C 163 7.70 -23.39 23.58
N ARG C 164 6.59 -22.65 23.61
CA ARG C 164 5.92 -22.35 24.86
C ARG C 164 5.34 -23.60 25.52
N SER C 165 4.80 -24.53 24.72
CA SER C 165 4.23 -25.73 25.32
C SER C 165 5.31 -26.64 25.89
N MET C 166 6.50 -26.69 25.27
CA MET C 166 7.59 -27.48 25.80
C MET C 166 8.31 -26.78 26.95
N ASP C 167 8.02 -25.51 27.20
CA ASP C 167 8.77 -24.70 28.17
C ASP C 167 10.27 -24.73 27.84
N PHE C 168 10.57 -24.65 26.54
CA PHE C 168 11.94 -24.73 26.04
C PHE C 168 12.26 -23.47 25.26
N LYS C 169 13.18 -22.66 25.78
CA LYS C 169 13.73 -21.52 25.07
C LYS C 169 15.14 -21.85 24.62
N SER C 170 15.54 -21.27 23.48
CA SER C 170 16.85 -21.55 22.92
C SER C 170 17.39 -20.32 22.20
N ASN C 171 18.67 -20.05 22.39
CA ASN C 171 19.37 -19.00 21.67
C ASN C 171 19.87 -19.55 20.34
N SER C 172 19.88 -18.69 19.32
CA SER C 172 20.27 -19.11 17.99
CA SER C 172 20.28 -19.11 17.99
C SER C 172 20.82 -17.92 17.22
N ALA C 173 21.75 -18.20 16.31
CA ALA C 173 22.35 -17.19 15.46
C ALA C 173 22.64 -17.82 14.09
N VAL C 174 22.45 -17.03 13.04
CA VAL C 174 22.56 -17.51 11.66
C VAL C 174 23.77 -16.88 11.00
N ALA C 175 24.51 -17.67 10.23
CA ALA C 175 25.65 -17.19 9.48
C ALA C 175 25.63 -17.82 8.09
N TRP C 176 25.81 -16.99 7.06
CA TRP C 176 25.78 -17.47 5.69
C TRP C 176 26.73 -16.63 4.85
N SER C 177 27.08 -17.15 3.68
CA SER C 177 27.98 -16.47 2.74
C SER C 177 27.90 -17.20 1.41
N ASN C 178 28.47 -16.57 0.39
CA ASN C 178 28.56 -17.17 -0.94
C ASN C 178 29.99 -17.55 -1.33
N LYS C 179 30.98 -17.10 -0.57
CA LYS C 179 32.39 -17.41 -0.87
C LYS C 179 32.67 -18.89 -0.65
N ALA C 183 32.66 -22.78 4.84
CA ALA C 183 32.16 -23.89 5.63
C ALA C 183 31.69 -23.41 7.01
N CYS C 184 30.86 -24.22 7.66
CA CYS C 184 30.30 -23.85 8.96
C CYS C 184 31.30 -24.01 10.10
N ALA C 185 32.43 -24.67 9.87
CA ALA C 185 33.39 -24.89 10.95
C ALA C 185 34.14 -23.61 11.31
N ASN C 186 34.29 -22.70 10.36
CA ASN C 186 35.04 -21.47 10.58
C ASN C 186 34.16 -20.23 10.59
N ALA C 187 32.83 -20.40 10.63
CA ALA C 187 31.95 -19.24 10.54
C ALA C 187 32.00 -18.41 11.82
N PHE C 188 32.04 -19.04 12.98
CA PHE C 188 31.95 -18.35 14.26
C PHE C 188 33.28 -18.33 15.00
N ASN C 189 34.39 -18.35 14.26
CA ASN C 189 35.70 -18.24 14.91
C ASN C 189 35.89 -16.87 15.55
N ASN C 190 35.26 -15.83 15.00
CA ASN C 190 35.37 -14.47 15.53
C ASN C 190 34.66 -14.30 16.87
N SER C 191 33.83 -15.26 17.27
CA SER C 191 33.08 -15.19 18.51
C SER C 191 33.61 -16.20 19.52
N ILE C 192 33.23 -16.01 20.77
CA ILE C 192 33.65 -16.89 21.85
C ILE C 192 32.75 -18.13 21.88
N ILE C 193 32.97 -19.04 20.94
CA ILE C 193 32.19 -20.28 20.92
C ILE C 193 32.54 -21.11 22.14
N PRO C 194 31.56 -21.67 22.86
CA PRO C 194 31.88 -22.56 23.98
C PRO C 194 32.70 -23.76 23.52
N GLU C 195 33.53 -24.27 24.42
CA GLU C 195 34.44 -25.35 24.06
C GLU C 195 33.68 -26.61 23.68
N ASP C 196 32.60 -26.92 24.39
CA ASP C 196 31.82 -28.13 24.16
C ASP C 196 30.89 -28.03 22.95
N THR C 197 31.07 -27.03 22.08
CA THR C 197 30.18 -26.85 20.94
C THR C 197 30.27 -28.04 19.98
N PHE C 198 29.10 -28.60 19.66
CA PHE C 198 29.03 -29.82 18.85
C PHE C 198 29.14 -29.48 17.38
N PHE C 199 30.16 -30.04 16.71
CA PHE C 199 30.39 -29.83 15.29
C PHE C 199 30.27 -31.16 14.55
N PRO C 200 29.15 -31.42 13.86
CA PRO C 200 28.98 -32.65 13.08
C PRO C 200 29.94 -32.75 11.90
N SER D 2 -10.60 7.46 26.74
CA SER D 2 -9.33 7.91 26.19
C SER D 2 -9.48 8.29 24.72
N ALA D 3 -8.87 9.40 24.33
CA ALA D 3 -8.99 9.88 22.95
C ALA D 3 -8.24 8.96 22.00
N VAL D 4 -8.84 8.73 20.83
CA VAL D 4 -8.25 7.91 19.78
C VAL D 4 -7.55 8.83 18.80
N ILE D 5 -6.30 8.50 18.47
CA ILE D 5 -5.44 9.34 17.63
C ILE D 5 -5.18 8.60 16.33
N SER D 6 -5.59 9.21 15.22
CA SER D 6 -5.39 8.66 13.89
C SER D 6 -4.31 9.47 13.17
N GLN D 7 -3.28 8.79 12.67
CA GLN D 7 -2.21 9.42 11.92
C GLN D 7 -2.21 8.90 10.49
N LYS D 8 -1.94 9.80 9.55
CA LYS D 8 -1.87 9.48 8.14
C LYS D 8 -0.71 10.25 7.51
N PRO D 9 0.08 9.61 6.64
CA PRO D 9 -0.05 8.20 6.27
C PRO D 9 0.66 7.27 7.25
N SER D 10 0.55 5.96 7.04
CA SER D 10 1.25 5.01 7.91
C SER D 10 2.75 5.06 7.65
N ARG D 11 3.15 5.01 6.39
CA ARG D 11 4.56 5.11 6.03
C ARG D 11 4.66 5.57 4.58
N ASP D 12 5.85 6.00 4.19
CA ASP D 12 6.08 6.50 2.84
C ASP D 12 7.57 6.52 2.57
N ILE D 13 7.91 6.37 1.29
CA ILE D 13 9.28 6.46 0.81
C ILE D 13 9.32 7.55 -0.25
N CYS D 14 10.14 8.57 -0.02
CA CYS D 14 10.13 9.77 -0.84
C CYS D 14 11.54 10.12 -1.30
N GLN D 15 11.60 10.80 -2.45
CA GLN D 15 12.85 11.34 -2.95
C GLN D 15 13.23 12.59 -2.17
N ARG D 16 14.53 12.84 -2.04
CA ARG D 16 14.99 14.03 -1.34
C ARG D 16 14.59 15.28 -2.13
N GLY D 17 14.39 16.38 -1.39
CA GLY D 17 13.85 17.59 -1.95
C GLY D 17 12.34 17.65 -2.00
N THR D 18 11.68 16.50 -1.90
CA THR D 18 10.22 16.45 -1.84
C THR D 18 9.73 16.94 -0.49
N SER D 19 8.51 17.47 -0.47
CA SER D 19 7.81 17.80 0.76
C SER D 19 6.67 16.82 0.97
N LEU D 20 6.42 16.46 2.23
CA LEU D 20 5.36 15.53 2.58
C LEU D 20 4.54 16.12 3.72
N THR D 21 3.22 16.15 3.53
CA THR D 21 2.30 16.63 4.56
C THR D 21 1.63 15.43 5.22
N ILE D 22 1.89 15.26 6.51
CA ILE D 22 1.27 14.21 7.31
C ILE D 22 0.30 14.86 8.28
N GLN D 23 -0.77 14.14 8.60
CA GLN D 23 -1.86 14.69 9.40
C GLN D 23 -2.09 13.87 10.66
N CYS D 24 -2.86 14.45 11.58
CA CYS D 24 -3.20 13.82 12.84
C CYS D 24 -4.61 14.25 13.21
N GLN D 25 -5.49 13.28 13.43
CA GLN D 25 -6.88 13.56 13.76
C GLN D 25 -7.27 12.81 15.03
N VAL D 26 -7.99 13.49 15.92
CA VAL D 26 -8.44 12.93 17.18
C VAL D 26 -9.96 12.81 17.14
N ASP D 27 -10.47 11.68 17.65
CA ASP D 27 -11.90 11.45 17.65
C ASP D 27 -12.66 12.34 18.64
N SER D 28 -11.94 13.02 19.54
CA SER D 28 -12.57 13.92 20.50
C SER D 28 -11.70 15.16 20.63
N GLN D 29 -12.14 16.08 21.50
CA GLN D 29 -11.46 17.36 21.69
C GLN D 29 -10.57 17.29 22.93
N VAL D 30 -9.27 17.37 22.71
CA VAL D 30 -8.27 17.44 23.78
C VAL D 30 -7.48 18.73 23.60
N THR D 31 -7.06 19.32 24.72
CA THR D 31 -6.48 20.65 24.72
C THR D 31 -5.12 20.71 24.02
N MET D 32 -4.10 20.07 24.60
CA MET D 32 -2.74 20.18 24.08
C MET D 32 -2.46 19.11 23.05
N MET D 33 -1.67 19.47 22.04
CA MET D 33 -1.28 18.56 20.97
C MET D 33 0.17 18.83 20.58
N PHE D 34 0.93 17.76 20.39
CA PHE D 34 2.38 17.86 20.16
C PHE D 34 2.78 17.00 18.98
N TRP D 35 3.90 17.38 18.35
CA TRP D 35 4.49 16.64 17.24
C TRP D 35 5.90 16.23 17.62
N TYR D 36 6.20 14.94 17.46
CA TYR D 36 7.50 14.38 17.79
C TYR D 36 8.12 13.74 16.56
N ARG D 37 9.44 13.53 16.63
CA ARG D 37 10.16 12.70 15.68
C ARG D 37 11.13 11.83 16.47
N GLN D 38 11.33 10.60 16.00
CA GLN D 38 12.19 9.67 16.73
C GLN D 38 12.67 8.58 15.79
N GLN D 39 13.98 8.45 15.65
CA GLN D 39 14.55 7.32 14.95
C GLN D 39 14.36 6.06 15.79
N PRO D 40 14.03 4.91 15.17
CA PRO D 40 13.81 3.69 15.94
C PRO D 40 14.96 3.33 16.87
N GLY D 41 14.68 3.26 18.16
CA GLY D 41 15.68 2.97 19.16
C GLY D 41 16.46 4.17 19.66
N GLN D 42 16.19 5.37 19.15
CA GLN D 42 16.90 6.57 19.53
C GLN D 42 16.07 7.37 20.56
N SER D 43 16.50 8.59 20.82
CA SER D 43 15.84 9.43 21.80
C SER D 43 14.59 10.08 21.21
N LEU D 44 13.53 10.14 22.02
CA LEU D 44 12.27 10.76 21.61
C LEU D 44 12.40 12.27 21.74
N THR D 45 12.48 12.96 20.61
CA THR D 45 12.69 14.40 20.57
C THR D 45 11.41 15.10 20.13
N LEU D 46 11.06 16.17 20.84
CA LEU D 46 9.87 16.94 20.52
C LEU D 46 10.20 17.98 19.45
N ILE D 47 9.28 18.14 18.50
CA ILE D 47 9.45 19.12 17.43
C ILE D 47 8.80 20.43 17.83
N ALA D 48 7.49 20.40 18.05
CA ALA D 48 6.74 21.60 18.40
C ALA D 48 5.43 21.19 19.06
N THR D 49 4.80 22.17 19.70
CA THR D 49 3.47 22.00 20.30
C THR D 49 2.48 22.79 19.47
N ALA D 50 1.54 22.07 18.84
CA ALA D 50 0.61 22.70 17.92
C ALA D 50 -0.45 23.48 18.68
N ASN D 51 -0.53 24.78 18.42
CA ASN D 51 -1.53 25.65 19.03
C ASN D 51 -2.70 25.83 18.07
N GLN D 52 -3.90 25.88 18.62
CA GLN D 52 -5.11 25.97 17.81
C GLN D 52 -5.21 27.35 17.16
N GLY D 53 -5.35 27.37 15.84
CA GLY D 53 -5.54 28.60 15.11
C GLY D 53 -4.36 29.54 15.12
N SER D 54 -3.16 29.05 15.43
CA SER D 54 -1.97 29.88 15.50
C SER D 54 -0.76 29.06 15.12
N GLU D 55 0.38 29.74 14.98
CA GLU D 55 1.62 29.05 14.70
C GLU D 55 2.01 28.14 15.86
N ALA D 56 2.72 27.06 15.54
CA ALA D 56 3.17 26.15 16.56
C ALA D 56 4.36 26.74 17.33
N THR D 57 4.52 26.28 18.57
CA THR D 57 5.64 26.68 19.42
C THR D 57 6.76 25.67 19.24
N TYR D 58 7.79 26.06 18.51
CA TYR D 58 8.85 25.14 18.10
C TYR D 58 9.95 25.06 19.15
N GLU D 59 10.61 23.90 19.19
CA GLU D 59 11.77 23.69 20.05
C GLU D 59 13.04 24.12 19.33
N SER D 60 14.14 24.17 20.08
CA SER D 60 15.42 24.58 19.52
C SER D 60 15.88 23.58 18.46
N GLY D 61 16.26 24.10 17.30
CA GLY D 61 16.69 23.28 16.18
C GLY D 61 15.64 23.07 15.12
N PHE D 62 14.37 23.28 15.44
CA PHE D 62 13.27 23.16 14.51
C PHE D 62 12.72 24.54 14.18
N VAL D 63 12.62 24.85 12.89
CA VAL D 63 12.13 26.15 12.43
C VAL D 63 10.84 25.92 11.66
N ILE D 64 10.01 26.98 11.60
CA ILE D 64 8.69 26.85 11.02
C ILE D 64 8.75 26.62 9.51
N ASP D 65 9.76 27.19 8.84
CA ASP D 65 9.86 26.99 7.39
C ASP D 65 10.28 25.56 7.06
N LYS D 66 10.92 24.86 7.99
CA LYS D 66 11.30 23.48 7.74
C LYS D 66 10.20 22.52 8.14
N PHE D 67 9.47 22.83 9.20
CA PHE D 67 8.36 21.99 9.69
C PHE D 67 7.12 22.84 9.89
N PRO D 68 6.47 23.28 8.81
CA PRO D 68 5.21 24.02 8.97
C PRO D 68 4.14 23.14 9.59
N ILE D 69 3.51 23.65 10.64
CA ILE D 69 2.49 22.93 11.39
C ILE D 69 1.22 23.78 11.44
N SER D 70 0.07 23.15 11.23
CA SER D 70 -1.21 23.84 11.23
C SER D 70 -2.18 23.08 12.11
N ARG D 71 -2.89 23.80 12.98
CA ARG D 71 -3.90 23.23 13.86
C ARG D 71 -5.18 24.07 13.73
N PRO D 72 -6.05 23.74 12.77
CA PRO D 72 -7.27 24.55 12.61
C PRO D 72 -8.24 24.40 13.76
N ASN D 73 -8.42 23.19 14.27
CA ASN D 73 -9.28 22.95 15.43
C ASN D 73 -8.56 21.99 16.37
N LEU D 74 -9.21 21.68 17.49
CA LEU D 74 -8.58 20.88 18.53
C LEU D 74 -8.44 19.42 18.13
N THR D 75 -9.15 18.96 17.10
CA THR D 75 -9.16 17.55 16.73
C THR D 75 -8.37 17.26 15.45
N PHE D 76 -7.71 18.25 14.86
CA PHE D 76 -7.03 18.04 13.58
C PHE D 76 -5.76 18.89 13.54
N SER D 77 -4.71 18.32 12.94
CA SER D 77 -3.44 19.02 12.78
C SER D 77 -2.64 18.34 11.69
N THR D 78 -1.85 19.13 10.98
CA THR D 78 -0.97 18.64 9.93
C THR D 78 0.45 19.10 10.19
N LEU D 79 1.40 18.24 9.84
CA LEU D 79 2.83 18.57 9.91
C LEU D 79 3.43 18.28 8.54
N THR D 80 4.04 19.29 7.94
CA THR D 80 4.67 19.16 6.64
C THR D 80 6.18 19.18 6.82
N VAL D 81 6.85 18.14 6.32
CA VAL D 81 8.31 18.11 6.30
C VAL D 81 8.73 18.68 4.96
N SER D 82 9.11 19.95 4.94
CA SER D 82 9.44 20.65 3.71
C SER D 82 10.91 20.46 3.36
N ASN D 83 11.18 20.24 2.08
CA ASN D 83 12.54 20.05 1.57
C ASN D 83 13.24 18.91 2.32
N MET D 84 12.71 17.71 2.16
CA MET D 84 13.14 16.58 2.95
C MET D 84 14.54 16.12 2.58
N SER D 85 15.36 15.87 3.58
CA SER D 85 16.69 15.30 3.47
C SER D 85 16.70 13.90 4.06
N PRO D 86 17.63 13.03 3.62
CA PRO D 86 17.71 11.69 4.23
C PRO D 86 17.88 11.71 5.73
N GLU D 87 18.47 12.78 6.29
CA GLU D 87 18.56 12.90 7.73
C GLU D 87 17.20 13.08 8.38
N ASP D 88 16.18 13.46 7.62
CA ASP D 88 14.82 13.59 8.14
C ASP D 88 14.08 12.26 8.19
N SER D 89 14.69 11.18 7.72
CA SER D 89 14.08 9.85 7.81
C SER D 89 13.92 9.46 9.28
N SER D 90 12.68 9.37 9.74
CA SER D 90 12.41 9.12 11.15
C SER D 90 10.95 8.68 11.29
N ILE D 91 10.53 8.47 12.53
CA ILE D 91 9.15 8.16 12.86
C ILE D 91 8.55 9.39 13.53
N TYR D 92 7.57 10.01 12.86
CA TYR D 92 6.97 11.24 13.34
C TYR D 92 5.72 10.92 14.15
N LEU D 93 5.76 11.25 15.44
CA LEU D 93 4.71 10.91 16.37
C LEU D 93 3.81 12.11 16.63
N CYS D 94 2.50 11.84 16.75
CA CYS D 94 1.52 12.82 17.19
C CYS D 94 1.02 12.40 18.57
N SER D 95 0.93 13.36 19.48
CA SER D 95 0.44 13.09 20.82
C SER D 95 -0.55 14.17 21.22
N VAL D 96 -1.52 13.79 22.06
CA VAL D 96 -2.54 14.70 22.55
C VAL D 96 -2.63 14.54 24.06
N GLY D 97 -2.97 15.64 24.73
CA GLY D 97 -3.03 15.64 26.18
C GLY D 97 -3.71 16.89 26.69
N GLY D 98 -4.02 16.87 27.97
CA GLY D 98 -4.72 17.96 28.62
C GLY D 98 -6.12 17.58 29.02
N ASP D 99 -6.92 18.60 29.31
CA ASP D 99 -8.28 18.41 29.78
C ASP D 99 -9.25 18.27 28.61
N SER D 100 -10.29 17.49 28.82
CA SER D 100 -11.29 17.22 27.79
C SER D 100 -12.65 17.07 28.48
N LEU D 101 -13.63 16.50 27.75
CA LEU D 101 -14.94 16.29 28.34
C LEU D 101 -14.91 15.21 29.41
N ILE D 102 -14.06 14.21 29.27
CA ILE D 102 -13.95 13.14 30.25
C ILE D 102 -12.86 13.49 31.25
N GLY D 103 -12.45 14.75 31.27
CA GLY D 103 -11.46 15.22 32.21
C GLY D 103 -10.08 15.30 31.61
N ASN D 104 -9.12 15.58 32.49
CA ASN D 104 -7.72 15.69 32.07
C ASN D 104 -7.19 14.30 31.69
N GLN D 105 -6.72 14.18 30.45
CA GLN D 105 -6.22 12.90 29.97
C GLN D 105 -4.70 12.88 29.97
N PRO D 106 -4.09 11.76 30.38
CA PRO D 106 -2.64 11.61 30.21
C PRO D 106 -2.28 11.63 28.73
N GLN D 107 -1.04 12.05 28.46
CA GLN D 107 -0.59 12.21 27.08
C GLN D 107 -0.38 10.84 26.43
N HIS D 108 -1.17 10.54 25.40
CA HIS D 108 -1.00 9.32 24.62
CA HIS D 108 -1.07 9.33 24.61
C HIS D 108 -0.61 9.67 23.19
N PHE D 109 0.02 8.70 22.53
CA PHE D 109 0.58 8.88 21.21
C PHE D 109 -0.22 8.11 20.16
N GLY D 110 -0.14 8.59 18.93
CA GLY D 110 -0.70 7.88 17.79
C GLY D 110 0.26 6.83 17.27
N ASP D 111 -0.20 6.09 16.26
CA ASP D 111 0.59 5.00 15.72
C ASP D 111 1.86 5.49 15.03
N GLY D 112 1.84 6.72 14.51
CA GLY D 112 3.03 7.32 13.95
C GLY D 112 3.12 7.17 12.44
N THR D 113 3.93 8.03 11.84
CA THR D 113 4.20 8.00 10.40
C THR D 113 5.67 7.70 10.19
N ARG D 114 5.96 6.57 9.55
CA ARG D 114 7.33 6.13 9.31
C ARG D 114 7.80 6.68 7.97
N LEU D 115 8.68 7.67 8.02
CA LEU D 115 9.15 8.35 6.82
C LEU D 115 10.57 7.88 6.49
N SER D 116 10.76 7.42 5.24
CA SER D 116 12.07 7.08 4.72
C SER D 116 12.34 7.98 3.52
N ILE D 117 13.44 8.73 3.57
CA ILE D 117 13.85 9.63 2.51
C ILE D 117 15.14 9.08 1.89
N LEU D 118 15.12 8.88 0.57
CA LEU D 118 16.26 8.34 -0.15
C LEU D 118 16.77 9.37 -1.15
N GLU D 119 18.03 9.19 -1.57
CA GLU D 119 18.59 10.06 -2.59
C GLU D 119 17.98 9.79 -3.95
N ASP D 120 17.59 8.54 -4.22
CA ASP D 120 16.93 8.18 -5.46
C ASP D 120 16.02 7.00 -5.19
N LEU D 121 14.76 7.09 -5.64
CA LEU D 121 13.81 6.02 -5.44
C LEU D 121 14.16 4.76 -6.22
N LYS D 122 15.15 4.82 -7.12
CA LYS D 122 15.61 3.61 -7.80
C LYS D 122 16.34 2.66 -6.87
N ASN D 123 16.75 3.13 -5.69
CA ASN D 123 17.42 2.30 -4.70
C ASN D 123 16.45 1.46 -3.88
N VAL D 124 15.18 1.41 -4.25
CA VAL D 124 14.19 0.61 -3.55
C VAL D 124 14.19 -0.79 -4.15
N PHE D 125 14.41 -1.80 -3.31
CA PHE D 125 14.48 -3.18 -3.76
C PHE D 125 13.56 -4.05 -2.89
N PRO D 126 12.74 -4.90 -3.48
CA PRO D 126 11.99 -5.88 -2.70
C PRO D 126 12.89 -7.02 -2.25
N PRO D 127 12.53 -7.73 -1.19
CA PRO D 127 13.40 -8.80 -0.69
C PRO D 127 13.28 -10.08 -1.50
N GLU D 128 14.33 -10.88 -1.42
CA GLU D 128 14.34 -12.24 -1.93
C GLU D 128 14.29 -13.19 -0.74
N VAL D 129 13.33 -14.12 -0.75
CA VAL D 129 13.03 -14.97 0.39
C VAL D 129 13.40 -16.40 0.04
N ALA D 130 14.16 -17.04 0.94
CA ALA D 130 14.54 -18.45 0.80
C ALA D 130 14.41 -19.12 2.16
N VAL D 131 13.92 -20.37 2.14
CA VAL D 131 13.76 -21.17 3.34
C VAL D 131 14.75 -22.32 3.29
N PHE D 132 15.43 -22.56 4.42
CA PHE D 132 16.45 -23.60 4.52
C PHE D 132 15.94 -24.70 5.44
N GLU D 133 15.93 -25.93 4.93
CA GLU D 133 15.35 -27.04 5.66
C GLU D 133 16.26 -27.45 6.82
N PRO D 134 15.69 -28.01 7.89
CA PRO D 134 16.51 -28.41 9.05
C PRO D 134 17.53 -29.47 8.69
N SER D 135 18.62 -29.49 9.45
CA SER D 135 19.68 -30.46 9.24
C SER D 135 19.33 -31.79 9.91
N GLU D 136 19.76 -32.88 9.28
CA GLU D 136 19.58 -34.20 9.88
C GLU D 136 20.41 -34.38 11.14
N ALA D 137 21.48 -33.60 11.30
CA ALA D 137 22.30 -33.71 12.51
C ALA D 137 21.58 -33.16 13.73
N GLU D 138 20.86 -32.04 13.57
CA GLU D 138 20.10 -31.48 14.67
C GLU D 138 18.98 -32.42 15.10
N ILE D 139 18.31 -33.05 14.14
CA ILE D 139 17.23 -33.98 14.45
C ILE D 139 17.76 -35.17 15.25
N SER D 140 18.97 -35.63 14.91
CA SER D 140 19.55 -36.76 15.62
C SER D 140 19.98 -36.38 17.03
N HIS D 141 20.49 -35.16 17.21
CA HIS D 141 21.10 -34.77 18.48
C HIS D 141 20.12 -34.17 19.47
N THR D 142 19.09 -33.46 18.99
CA THR D 142 18.19 -32.74 19.86
C THR D 142 16.72 -33.13 19.70
N GLN D 143 16.40 -34.02 18.75
CA GLN D 143 15.02 -34.41 18.46
CA GLN D 143 15.02 -34.40 18.47
C GLN D 143 14.15 -33.18 18.19
N LYS D 144 14.75 -32.15 17.61
CA LYS D 144 14.06 -30.92 17.21
C LYS D 144 14.48 -30.58 15.79
N ALA D 145 13.74 -29.65 15.17
CA ALA D 145 14.00 -29.24 13.81
C ALA D 145 13.83 -27.74 13.70
N THR D 146 14.88 -27.04 13.29
CA THR D 146 14.88 -25.60 13.14
C THR D 146 14.90 -25.24 11.66
N LEU D 147 13.92 -24.46 11.23
CA LEU D 147 13.90 -23.90 9.88
C LEU D 147 14.40 -22.47 9.92
N VAL D 148 15.16 -22.09 8.90
CA VAL D 148 15.73 -20.75 8.79
C VAL D 148 15.23 -20.11 7.51
N CYS D 149 14.80 -18.86 7.61
CA CYS D 149 14.32 -18.09 6.47
C CYS D 149 15.20 -16.86 6.28
N LEU D 150 15.63 -16.62 5.04
CA LEU D 150 16.47 -15.48 4.72
C LEU D 150 15.70 -14.53 3.81
N ALA D 151 15.54 -13.28 4.25
CA ALA D 151 15.04 -12.20 3.42
C ALA D 151 16.22 -11.25 3.18
N THR D 152 16.72 -11.23 1.95
CA THR D 152 17.96 -10.54 1.63
C THR D 152 17.75 -9.57 0.49
N GLY D 153 18.64 -8.57 0.44
CA GLY D 153 18.71 -7.66 -0.69
C GLY D 153 17.54 -6.71 -0.85
N PHE D 154 17.02 -6.17 0.25
CA PHE D 154 15.91 -5.23 0.21
C PHE D 154 16.32 -3.89 0.79
N TYR D 155 15.65 -2.83 0.31
CA TYR D 155 15.90 -1.48 0.79
C TYR D 155 14.68 -0.63 0.50
N PRO D 156 14.21 0.19 1.44
CA PRO D 156 14.78 0.34 2.79
C PRO D 156 14.30 -0.74 3.77
N ASP D 157 14.41 -0.44 5.07
CA ASP D 157 14.07 -1.40 6.12
C ASP D 157 12.57 -1.37 6.40
N HIS D 158 11.79 -1.85 5.42
CA HIS D 158 10.33 -1.91 5.50
C HIS D 158 9.91 -3.36 5.24
N VAL D 159 10.07 -4.22 6.25
CA VAL D 159 9.75 -5.63 6.12
C VAL D 159 9.01 -6.13 7.35
N GLU D 160 8.09 -7.06 7.13
CA GLU D 160 7.35 -7.73 8.20
C GLU D 160 7.40 -9.23 7.92
N LEU D 161 8.13 -9.96 8.76
CA LEU D 161 8.32 -11.39 8.57
C LEU D 161 7.38 -12.18 9.46
N SER D 162 6.84 -13.27 8.93
CA SER D 162 5.93 -14.13 9.67
C SER D 162 6.04 -15.55 9.13
N TRP D 163 5.71 -16.51 9.98
CA TRP D 163 5.72 -17.92 9.62
C TRP D 163 4.29 -18.45 9.55
N TRP D 164 4.03 -19.30 8.57
CA TRP D 164 2.70 -19.85 8.33
C TRP D 164 2.81 -21.37 8.19
N VAL D 165 2.25 -22.10 9.15
CA VAL D 165 2.27 -23.55 9.16
C VAL D 165 0.86 -24.03 8.84
N ASN D 166 0.74 -24.82 7.76
CA ASN D 166 -0.54 -25.36 7.31
C ASN D 166 -1.59 -24.27 7.13
N GLY D 167 -1.17 -23.14 6.56
CA GLY D 167 -2.07 -22.05 6.24
C GLY D 167 -2.38 -21.12 7.39
N LYS D 168 -1.96 -21.42 8.61
CA LYS D 168 -2.22 -20.59 9.78
C LYS D 168 -0.91 -20.00 10.30
N GLU D 169 -0.95 -18.73 10.68
CA GLU D 169 0.24 -18.08 11.20
C GLU D 169 0.61 -18.65 12.55
N VAL D 170 1.92 -18.75 12.82
CA VAL D 170 2.43 -19.29 14.06
C VAL D 170 3.38 -18.28 14.70
N HIS D 171 3.42 -18.29 16.03
CA HIS D 171 4.31 -17.44 16.79
C HIS D 171 5.22 -18.19 17.74
N SER D 172 4.78 -19.33 18.28
CA SER D 172 5.62 -20.13 19.15
C SER D 172 6.75 -20.77 18.36
N GLY D 173 7.94 -20.82 18.98
CA GLY D 173 9.10 -21.38 18.32
C GLY D 173 9.67 -20.51 17.22
N VAL D 174 9.34 -19.23 17.21
CA VAL D 174 9.77 -18.30 16.16
C VAL D 174 10.66 -17.24 16.78
N CYS D 175 11.76 -16.93 16.11
CA CYS D 175 12.61 -15.80 16.48
C CYS D 175 13.10 -15.12 15.22
N THR D 176 12.71 -13.86 15.04
CA THR D 176 13.19 -13.02 13.96
C THR D 176 14.18 -12.01 14.52
N ASP D 177 15.22 -11.71 13.75
CA ASP D 177 16.23 -10.77 14.21
C ASP D 177 15.59 -9.43 14.51
N PRO D 178 15.91 -8.80 15.65
CA PRO D 178 15.30 -7.50 15.97
C PRO D 178 15.75 -6.38 15.06
N GLN D 179 16.91 -6.52 14.41
CA GLN D 179 17.46 -5.51 13.53
C GLN D 179 18.15 -6.19 12.35
N PRO D 180 17.99 -5.66 11.14
CA PRO D 180 18.68 -6.22 9.98
C PRO D 180 20.16 -5.84 9.99
N LEU D 181 20.90 -6.48 9.09
CA LEU D 181 22.31 -6.17 8.88
C LEU D 181 22.56 -5.76 7.45
N LYS D 182 23.49 -4.83 7.26
CA LYS D 182 23.80 -4.34 5.93
C LYS D 182 24.62 -5.37 5.17
N GLU D 183 24.17 -5.72 3.97
CA GLU D 183 24.89 -6.68 3.15
C GLU D 183 26.25 -6.14 2.73
N GLN D 184 26.36 -4.83 2.52
CA GLN D 184 27.61 -4.15 2.20
C GLN D 184 27.87 -3.13 3.31
N PRO D 185 28.40 -3.58 4.46
CA PRO D 185 28.52 -2.67 5.60
C PRO D 185 29.46 -1.50 5.39
N ALA D 186 30.41 -1.61 4.46
CA ALA D 186 31.37 -0.54 4.23
C ALA D 186 30.74 0.69 3.58
N LEU D 187 29.51 0.60 3.11
CA LEU D 187 28.84 1.69 2.42
C LEU D 187 27.73 2.27 3.29
N ASN D 188 27.22 3.42 2.84
CA ASN D 188 25.98 3.96 3.37
C ASN D 188 24.82 3.54 2.46
N ASP D 189 23.63 3.43 3.05
CA ASP D 189 22.42 3.07 2.32
C ASP D 189 22.57 1.71 1.63
N SER D 190 23.16 0.75 2.33
CA SER D 190 23.29 -0.59 1.78
C SER D 190 22.00 -1.37 1.95
N ARG D 191 21.82 -2.38 1.10
CA ARG D 191 20.65 -3.23 1.20
C ARG D 191 20.75 -4.16 2.40
N TYR D 192 19.59 -4.44 3.01
CA TYR D 192 19.53 -5.15 4.26
C TYR D 192 19.26 -6.64 4.06
N ALA D 193 19.58 -7.42 5.09
CA ALA D 193 19.29 -8.84 5.13
C ALA D 193 18.73 -9.17 6.50
N LEU D 194 17.73 -10.05 6.54
CA LEU D 194 17.06 -10.42 7.78
C LEU D 194 16.85 -11.92 7.82
N SER D 195 17.17 -12.53 8.96
CA SER D 195 16.98 -13.96 9.16
C SER D 195 15.93 -14.21 10.24
N SER D 196 15.31 -15.38 10.18
CA SER D 196 14.33 -15.78 11.17
C SER D 196 14.37 -17.30 11.29
N ARG D 197 14.05 -17.78 12.49
CA ARG D 197 14.08 -19.20 12.78
C ARG D 197 12.70 -19.68 13.21
N LEU D 198 12.33 -20.87 12.76
CA LEU D 198 11.13 -21.57 13.22
C LEU D 198 11.55 -22.96 13.67
N ARG D 199 11.41 -23.25 14.96
CA ARG D 199 11.80 -24.53 15.53
C ARG D 199 10.56 -25.31 15.93
N VAL D 200 10.47 -26.55 15.44
CA VAL D 200 9.37 -27.45 15.75
C VAL D 200 9.94 -28.78 16.22
N SER D 201 9.06 -29.63 16.72
CA SER D 201 9.47 -30.98 17.09
C SER D 201 9.91 -31.75 15.85
N ALA D 202 10.90 -32.63 16.04
CA ALA D 202 11.43 -33.39 14.91
C ALA D 202 10.34 -34.24 14.27
N THR D 203 9.46 -34.84 15.07
CA THR D 203 8.37 -35.63 14.52
C THR D 203 7.43 -34.78 13.69
N PHE D 204 7.31 -33.49 14.00
CA PHE D 204 6.43 -32.61 13.23
C PHE D 204 7.03 -32.31 11.86
N TRP D 205 8.35 -32.07 11.81
CA TRP D 205 8.99 -31.78 10.53
C TRP D 205 9.04 -33.02 9.64
N GLN D 206 9.05 -34.21 10.23
CA GLN D 206 9.13 -35.44 9.46
C GLN D 206 7.79 -35.86 8.85
N ASN D 207 6.76 -35.02 8.96
CA ASN D 207 5.46 -35.34 8.38
C ASN D 207 5.35 -34.67 7.02
N PRO D 208 5.15 -35.41 5.93
CA PRO D 208 5.05 -34.78 4.61
C PRO D 208 3.80 -33.94 4.43
N ARG D 209 2.78 -34.12 5.28
CA ARG D 209 1.57 -33.32 5.17
C ARG D 209 1.73 -31.92 5.73
N ASN D 210 2.80 -31.64 6.47
CA ASN D 210 3.01 -30.33 7.07
C ASN D 210 3.66 -29.38 6.05
N HIS D 211 3.10 -28.18 5.95
CA HIS D 211 3.57 -27.17 5.01
C HIS D 211 4.09 -25.97 5.78
N PHE D 212 5.33 -25.58 5.48
CA PHE D 212 5.99 -24.47 6.17
C PHE D 212 6.25 -23.37 5.15
N ARG D 213 5.75 -22.17 5.43
CA ARG D 213 5.90 -21.03 4.52
C ARG D 213 6.40 -19.82 5.31
N CYS D 214 7.40 -19.15 4.75
CA CYS D 214 7.95 -17.92 5.30
C CYS D 214 7.44 -16.76 4.45
N GLN D 215 6.74 -15.82 5.08
CA GLN D 215 6.14 -14.68 4.38
C GLN D 215 6.80 -13.39 4.84
N VAL D 216 7.28 -12.61 3.88
CA VAL D 216 7.90 -11.32 4.15
C VAL D 216 7.05 -10.24 3.49
N GLN D 217 6.43 -9.39 4.29
CA GLN D 217 5.65 -8.27 3.80
C GLN D 217 6.56 -7.06 3.61
N PHE D 218 6.66 -6.59 2.37
CA PHE D 218 7.50 -5.45 2.03
C PHE D 218 6.63 -4.25 1.69
N TYR D 219 6.96 -3.10 2.26
CA TYR D 219 6.27 -1.85 1.98
C TYR D 219 7.19 -0.98 1.11
N GLY D 220 6.79 -0.80 -0.14
CA GLY D 220 7.62 -0.07 -1.09
C GLY D 220 6.94 1.13 -1.72
N LEU D 221 7.03 1.23 -3.05
CA LEU D 221 6.48 2.37 -3.76
C LEU D 221 4.99 2.23 -3.95
N SER D 222 4.35 3.35 -4.27
CA SER D 222 2.91 3.41 -4.50
C SER D 222 2.64 3.49 -5.99
N GLU D 223 1.36 3.68 -6.36
CA GLU D 223 1.00 3.81 -7.76
C GLU D 223 1.56 5.10 -8.35
N ASN D 224 1.34 6.23 -7.67
CA ASN D 224 1.72 7.53 -8.22
C ASN D 224 3.23 7.67 -8.36
N ASP D 225 4.02 6.90 -7.62
CA ASP D 225 5.46 6.96 -7.76
C ASP D 225 5.89 6.46 -9.13
N GLU D 226 6.65 7.27 -9.85
CA GLU D 226 7.08 6.91 -11.19
C GLU D 226 8.18 5.85 -11.14
N TRP D 227 8.22 5.01 -12.16
CA TRP D 227 9.22 3.96 -12.26
C TRP D 227 9.57 3.77 -13.73
N THR D 228 10.87 3.81 -14.04
CA THR D 228 11.34 3.73 -15.43
C THR D 228 12.48 2.73 -15.60
N GLN D 229 12.70 1.84 -14.64
CA GLN D 229 13.76 0.87 -14.73
C GLN D 229 13.27 -0.41 -15.40
N ASP D 230 14.21 -1.17 -15.96
CA ASP D 230 13.86 -2.47 -16.54
C ASP D 230 13.40 -3.44 -15.45
N ARG D 231 13.91 -3.29 -14.24
CA ARG D 231 13.48 -4.10 -13.11
C ARG D 231 12.01 -3.85 -12.81
N ALA D 232 11.31 -4.90 -12.38
CA ALA D 232 9.91 -4.76 -11.99
C ALA D 232 9.78 -3.74 -10.87
N LYS D 233 8.68 -3.00 -10.90
CA LYS D 233 8.49 -1.90 -9.95
C LYS D 233 8.40 -2.44 -8.53
N PRO D 234 9.23 -1.94 -7.60
CA PRO D 234 9.22 -2.46 -6.22
C PRO D 234 8.04 -1.93 -5.39
N VAL D 235 6.84 -2.30 -5.82
CA VAL D 235 5.62 -1.88 -5.12
C VAL D 235 5.49 -2.65 -3.82
N THR D 236 4.58 -2.22 -2.96
CA THR D 236 4.26 -2.98 -1.77
C THR D 236 3.76 -4.36 -2.16
N GLN D 237 4.38 -5.40 -1.60
CA GLN D 237 4.12 -6.76 -2.05
C GLN D 237 4.48 -7.74 -0.94
N ILE D 238 4.16 -9.00 -1.20
CA ILE D 238 4.50 -10.11 -0.32
C ILE D 238 5.39 -11.07 -1.09
N VAL D 239 6.54 -11.41 -0.52
CA VAL D 239 7.45 -12.39 -1.09
C VAL D 239 7.51 -13.58 -0.13
N SER D 240 7.38 -14.78 -0.67
CA SER D 240 7.27 -15.98 0.16
C SER D 240 8.20 -17.08 -0.36
N ALA D 241 8.53 -18.00 0.53
CA ALA D 241 9.25 -19.21 0.21
C ALA D 241 8.71 -20.31 1.11
N GLU D 242 8.49 -21.50 0.55
CA GLU D 242 7.82 -22.58 1.25
C GLU D 242 8.68 -23.83 1.26
N ALA D 243 8.26 -24.79 2.09
CA ALA D 243 8.94 -26.07 2.21
C ALA D 243 7.97 -27.07 2.83
N TRP D 244 8.07 -28.31 2.40
CA TRP D 244 7.26 -29.40 2.93
C TRP D 244 8.11 -30.32 3.80
N GLY D 245 7.47 -30.96 4.77
CA GLY D 245 8.16 -31.93 5.59
C GLY D 245 8.46 -33.21 4.83
N ARG D 246 9.40 -33.98 5.38
CA ARG D 246 9.78 -35.25 4.78
C ARG D 246 10.55 -36.07 5.80
N ALA D 247 10.67 -37.36 5.53
CA ALA D 247 11.41 -38.28 6.38
C ALA D 247 12.72 -38.70 5.72
C1 GOL E . -14.66 22.31 -15.46
O1 GOL E . -15.70 22.44 -14.55
C2 GOL E . -14.70 23.55 -16.39
O2 GOL E . -16.01 23.95 -16.66
C3 GOL E . -13.87 24.64 -15.68
O3 GOL E . -12.54 24.25 -15.76
#